data_5WNN
#
_entry.id   5WNN
#
_cell.length_a   116.640
_cell.length_b   59.840
_cell.length_c   101.090
_cell.angle_alpha   90.000
_cell.angle_beta   120.970
_cell.angle_gamma   90.000
#
_symmetry.space_group_name_H-M   'C 1 2 1'
#
loop_
_entity.id
_entity.type
_entity.pdbx_description
1 polymer 'Phosphate-binding protein PstS'
2 non-polymer 'PHOSPHATE ION'
3 non-polymer 'POTASSIUM ION'
4 water water
#
_entity_poly.entity_id   1
_entity_poly.type   'polypeptide(L)'
_entity_poly.pdbx_seq_one_letter_code
;MAHHHHHHMGTLEAQTQGPGSMKLMQTAFAGLAGALFAVAAHADITGAGSTFAMPIYTKWAADYQQSGGAKVNYQGIGSS
GGLKQIVAKTVDFAGSDAPLKDDELAKEGLFQFPTVVGGVVPVINVPGVKAGELTLSGAVLGDIYLGKIKKWNDPAIAAL
NPKVKLPDTDIAVVRRADGSGTSFIWTNYLSKVNDEWKSKVGEGTTVNWPTGTGGKGNDGVAAFVQRLPGAIGYVEWAYA
KKNNMVYTALKNSTGTVVEPKTETFKAAAAGANWSKSFYQILTNQPGKEAWPVVGATFVLLHAKQDKPAQGAETLKFFDW
AFKNGAKAADDLDYISLPASVETEIRKQWKVKVTDAAGKAVAE
;
_entity_poly.pdbx_strand_id   A,B
#
# COMPACT_ATOMS: atom_id res chain seq x y z
N ALA A 43 7.27 12.83 -30.46
CA ALA A 43 7.98 12.67 -31.71
C ALA A 43 9.39 13.26 -31.66
N ASP A 44 9.70 14.00 -30.57
CA ASP A 44 10.97 14.71 -30.50
C ASP A 44 12.13 13.78 -30.17
N ILE A 45 11.99 12.95 -29.13
CA ILE A 45 12.97 11.91 -28.86
C ILE A 45 12.23 10.59 -28.69
N THR A 46 12.93 9.51 -28.99
CA THR A 46 12.32 8.18 -28.92
C THR A 46 13.23 7.26 -28.13
N GLY A 47 12.64 6.51 -27.19
CA GLY A 47 13.35 5.50 -26.46
C GLY A 47 12.62 4.19 -26.59
N ALA A 48 13.32 3.10 -26.28
CA ALA A 48 12.70 1.79 -26.36
C ALA A 48 13.43 0.83 -25.43
N GLY A 49 12.70 -0.18 -24.95
CA GLY A 49 13.29 -1.31 -24.26
C GLY A 49 12.46 -1.77 -23.07
N SER A 50 13.11 -1.85 -21.91
CA SER A 50 12.50 -2.28 -20.64
C SER A 50 11.02 -1.97 -20.47
N THR A 51 10.19 -3.01 -20.30
CA THR A 51 8.82 -2.80 -19.84
C THR A 51 8.72 -2.67 -18.32
N PHE A 52 9.75 -3.12 -17.60
CA PHE A 52 9.91 -2.88 -16.17
C PHE A 52 9.74 -1.39 -15.86
N ALA A 53 10.34 -0.53 -16.70
CA ALA A 53 10.36 0.92 -16.49
C ALA A 53 9.25 1.64 -17.23
N MET A 54 8.54 0.97 -18.14
CA MET A 54 7.55 1.66 -18.96
C MET A 54 6.50 2.42 -18.16
N PRO A 55 5.94 1.89 -17.06
CA PRO A 55 4.90 2.65 -16.35
C PRO A 55 5.37 4.02 -15.90
N ILE A 56 6.59 4.12 -15.37
CA ILE A 56 7.03 5.42 -14.87
C ILE A 56 7.55 6.29 -16.02
N TYR A 57 8.24 5.71 -17.01
CA TYR A 57 8.70 6.54 -18.12
C TYR A 57 7.54 7.17 -18.86
N THR A 58 6.47 6.40 -19.08
CA THR A 58 5.28 6.92 -19.74
CA THR A 58 5.31 6.96 -19.77
C THR A 58 4.66 8.06 -18.95
N LYS A 59 4.57 7.88 -17.63
CA LYS A 59 4.00 8.93 -16.77
C LYS A 59 4.90 10.16 -16.76
N TRP A 60 6.21 9.95 -16.58
CA TRP A 60 7.17 11.05 -16.64
C TRP A 60 7.09 11.80 -17.96
N ALA A 61 6.94 11.09 -19.09
CA ALA A 61 6.90 11.76 -20.38
C ALA A 61 5.66 12.63 -20.51
N ALA A 62 4.50 12.13 -20.05
CA ALA A 62 3.28 12.92 -20.11
C ALA A 62 3.39 14.18 -19.25
N ASP A 63 3.83 14.03 -18.00
CA ASP A 63 4.03 15.18 -17.13
C ASP A 63 5.04 16.16 -17.71
N TYR A 64 6.13 15.64 -18.30
CA TYR A 64 7.15 16.50 -18.88
C TYR A 64 6.60 17.33 -20.02
N GLN A 65 5.86 16.69 -20.93
CA GLN A 65 5.29 17.42 -22.06
C GLN A 65 4.25 18.45 -21.58
N GLN A 66 3.48 18.10 -20.56
CA GLN A 66 2.55 19.08 -19.99
C GLN A 66 3.30 20.26 -19.41
N SER A 67 4.45 20.02 -18.76
CA SER A 67 5.23 21.10 -18.20
C SER A 67 5.83 22.01 -19.27
N GLY A 68 5.82 21.59 -20.53
CA GLY A 68 6.41 22.36 -21.62
C GLY A 68 7.55 21.67 -22.32
N GLY A 69 7.98 20.47 -21.87
CA GLY A 69 9.10 19.79 -22.47
C GLY A 69 8.74 19.06 -23.76
N ALA A 70 9.77 18.53 -24.41
CA ALA A 70 9.60 17.86 -25.69
C ALA A 70 8.75 16.60 -25.54
N LYS A 71 8.32 16.08 -26.68
CA LYS A 71 7.53 14.85 -26.69
C LYS A 71 8.46 13.64 -26.62
N VAL A 72 8.24 12.78 -25.64
CA VAL A 72 9.07 11.60 -25.42
C VAL A 72 8.24 10.37 -25.72
N ASN A 73 8.64 9.61 -26.74
CA ASN A 73 7.99 8.36 -27.09
C ASN A 73 8.84 7.22 -26.55
N TYR A 74 8.22 6.31 -25.81
CA TYR A 74 8.93 5.16 -25.26
C TYR A 74 8.17 3.89 -25.63
N GLN A 75 8.85 2.96 -26.30
CA GLN A 75 8.27 1.71 -26.74
C GLN A 75 8.70 0.61 -25.78
N GLY A 76 7.74 -0.17 -25.29
CA GLY A 76 8.06 -1.27 -24.39
C GLY A 76 8.26 -2.55 -25.15
N ILE A 77 9.51 -2.88 -25.45
CA ILE A 77 9.86 -4.02 -26.29
C ILE A 77 10.77 -5.01 -25.59
N GLY A 78 11.09 -4.79 -24.31
CA GLY A 78 12.03 -5.64 -23.61
C GLY A 78 13.44 -5.08 -23.66
N SER A 79 14.20 -5.38 -22.61
CA SER A 79 15.54 -4.82 -22.48
C SER A 79 16.45 -5.25 -23.63
N SER A 80 16.31 -6.49 -24.07
CA SER A 80 17.18 -6.98 -25.14
C SER A 80 16.88 -6.25 -26.45
N GLY A 81 15.60 -6.07 -26.75
CA GLY A 81 15.23 -5.33 -27.94
C GLY A 81 15.70 -3.90 -27.87
N GLY A 82 15.66 -3.31 -26.67
CA GLY A 82 16.10 -1.93 -26.51
C GLY A 82 17.59 -1.78 -26.73
N LEU A 83 18.37 -2.73 -26.20
CA LEU A 83 19.81 -2.73 -26.45
C LEU A 83 20.11 -2.85 -27.93
N LYS A 84 19.40 -3.74 -28.64
CA LYS A 84 19.63 -3.87 -30.06
C LYS A 84 19.34 -2.57 -30.80
N GLN A 85 18.30 -1.84 -30.37
CA GLN A 85 17.90 -0.66 -31.13
CA GLN A 85 17.89 -0.66 -31.12
C GLN A 85 18.83 0.52 -30.88
N ILE A 86 19.33 0.69 -29.65
CA ILE A 86 20.24 1.81 -29.43
C ILE A 86 21.57 1.55 -30.15
N VAL A 87 22.02 0.28 -30.20
CA VAL A 87 23.21 -0.07 -30.96
C VAL A 87 22.98 0.15 -32.44
N ALA A 88 21.81 -0.22 -32.96
CA ALA A 88 21.46 0.08 -34.34
C ALA A 88 21.20 1.56 -34.58
N LYS A 89 21.20 2.37 -33.51
CA LYS A 89 20.96 3.81 -33.56
C LYS A 89 19.62 4.14 -34.23
N THR A 90 18.61 3.31 -34.00
CA THR A 90 17.26 3.60 -34.46
C THR A 90 16.42 4.32 -33.42
N VAL A 91 16.91 4.47 -32.19
CA VAL A 91 16.28 5.25 -31.13
C VAL A 91 17.34 6.14 -30.49
N ASP A 92 16.87 7.11 -29.71
CA ASP A 92 17.77 8.04 -29.04
C ASP A 92 18.30 7.50 -27.71
N PHE A 93 17.56 6.62 -27.06
CA PHE A 93 18.05 5.98 -25.85
C PHE A 93 17.33 4.65 -25.67
N ALA A 94 17.94 3.77 -24.90
CA ALA A 94 17.33 2.50 -24.56
C ALA A 94 17.12 2.45 -23.05
N GLY A 95 16.11 1.68 -22.65
CA GLY A 95 15.92 1.31 -21.26
C GLY A 95 16.20 -0.18 -21.10
N SER A 96 17.00 -0.50 -20.08
CA SER A 96 17.37 -1.88 -19.77
C SER A 96 17.46 -2.04 -18.25
N ASP A 97 16.97 -3.18 -17.74
CA ASP A 97 17.20 -3.55 -16.35
C ASP A 97 18.29 -4.61 -16.21
N ALA A 98 19.01 -4.90 -17.29
CA ALA A 98 20.20 -5.75 -17.26
C ALA A 98 21.38 -4.84 -17.56
N PRO A 99 22.06 -4.32 -16.54
CA PRO A 99 23.11 -3.33 -16.80
C PRO A 99 24.30 -3.97 -17.48
N LEU A 100 24.98 -3.17 -18.29
CA LEU A 100 26.21 -3.59 -18.95
C LEU A 100 27.40 -3.32 -18.03
N LYS A 101 28.37 -4.23 -18.08
CA LYS A 101 29.63 -4.01 -17.38
C LYS A 101 30.46 -2.96 -18.14
N ASP A 102 31.51 -2.47 -17.47
CA ASP A 102 32.30 -1.38 -18.04
C ASP A 102 32.86 -1.74 -19.41
N ASP A 103 33.29 -2.99 -19.59
CA ASP A 103 33.95 -3.36 -20.83
C ASP A 103 32.97 -3.38 -22.00
N GLU A 104 31.73 -3.84 -21.77
CA GLU A 104 30.75 -3.85 -22.84
CA GLU A 104 30.74 -3.86 -22.83
C GLU A 104 30.30 -2.44 -23.19
N LEU A 105 30.25 -1.55 -22.20
CA LEU A 105 29.88 -0.15 -22.46
C LEU A 105 30.93 0.52 -23.33
N ALA A 106 32.22 0.29 -23.04
CA ALA A 106 33.28 0.85 -23.87
C ALA A 106 33.27 0.25 -25.27
N LYS A 107 33.08 -1.07 -25.37
CA LYS A 107 32.99 -1.71 -26.68
C LYS A 107 31.89 -1.09 -27.53
N GLU A 108 30.74 -0.79 -26.93
CA GLU A 108 29.59 -0.24 -27.65
C GLU A 108 29.57 1.28 -27.72
N GLY A 109 30.47 1.97 -27.04
CA GLY A 109 30.41 3.43 -26.98
C GLY A 109 29.16 3.96 -26.29
N LEU A 110 28.63 3.23 -25.30
CA LEU A 110 27.42 3.67 -24.62
C LEU A 110 27.75 4.24 -23.25
N PHE A 111 26.93 5.17 -22.80
CA PHE A 111 26.88 5.60 -21.41
C PHE A 111 25.60 5.07 -20.78
N GLN A 112 25.70 4.71 -19.50
CA GLN A 112 24.62 4.04 -18.80
C GLN A 112 24.43 4.68 -17.44
N PHE A 113 23.17 4.89 -17.03
CA PHE A 113 22.92 5.45 -15.69
C PHE A 113 21.58 4.93 -15.21
N PRO A 114 21.43 4.69 -13.91
CA PRO A 114 20.16 4.26 -13.37
C PRO A 114 19.18 5.42 -13.26
N THR A 115 17.89 5.07 -13.25
CA THR A 115 16.83 6.06 -13.09
C THR A 115 15.98 5.82 -11.86
N VAL A 116 15.48 4.61 -11.66
CA VAL A 116 14.70 4.25 -10.48
C VAL A 116 15.01 2.80 -10.12
N VAL A 117 14.51 2.37 -8.96
CA VAL A 117 14.59 0.99 -8.50
C VAL A 117 13.18 0.44 -8.40
N GLY A 118 13.00 -0.84 -8.76
CA GLY A 118 11.70 -1.45 -8.71
C GLY A 118 11.76 -2.86 -8.16
N GLY A 119 10.62 -3.32 -7.67
CA GLY A 119 10.51 -4.70 -7.20
C GLY A 119 9.98 -5.64 -8.28
N VAL A 120 10.40 -6.90 -8.18
CA VAL A 120 9.87 -7.98 -8.99
C VAL A 120 9.23 -8.97 -8.04
N VAL A 121 8.01 -9.41 -8.34
CA VAL A 121 7.26 -10.25 -7.42
C VAL A 121 6.79 -11.53 -8.10
N PRO A 122 6.76 -12.67 -7.39
CA PRO A 122 6.00 -13.82 -7.90
C PRO A 122 4.53 -13.50 -7.84
N VAL A 123 3.82 -13.87 -8.91
CA VAL A 123 2.36 -13.78 -8.96
C VAL A 123 1.83 -15.15 -9.33
N ILE A 124 0.70 -15.53 -8.73
CA ILE A 124 0.18 -16.89 -8.81
C ILE A 124 -1.31 -16.86 -9.08
N ASN A 125 -1.85 -18.04 -9.45
CA ASN A 125 -3.30 -18.23 -9.67
C ASN A 125 -3.63 -19.56 -9.00
N VAL A 126 -3.89 -19.52 -7.69
CA VAL A 126 -4.06 -20.74 -6.89
C VAL A 126 -5.40 -20.69 -6.18
N PRO A 127 -6.25 -21.72 -6.34
CA PRO A 127 -7.57 -21.71 -5.70
C PRO A 127 -7.50 -21.39 -4.21
N GLY A 128 -8.34 -20.46 -3.77
CA GLY A 128 -8.50 -20.16 -2.37
C GLY A 128 -7.41 -19.30 -1.75
N VAL A 129 -6.52 -18.75 -2.56
CA VAL A 129 -5.35 -18.00 -2.07
C VAL A 129 -5.44 -16.57 -2.60
N LYS A 130 -5.44 -15.60 -1.68
CA LYS A 130 -5.55 -14.19 -2.03
C LYS A 130 -4.19 -13.50 -1.99
N ALA A 131 -4.15 -12.24 -2.44
CA ALA A 131 -2.88 -11.53 -2.57
C ALA A 131 -2.17 -11.46 -1.22
N GLY A 132 -0.87 -11.76 -1.23
CA GLY A 132 -0.06 -11.68 -0.03
C GLY A 132 -0.24 -12.80 0.99
N GLU A 133 -1.21 -13.70 0.78
CA GLU A 133 -1.46 -14.77 1.77
C GLU A 133 -0.39 -15.85 1.72
N LEU A 134 0.10 -16.17 0.53
CA LEU A 134 1.02 -17.29 0.36
C LEU A 134 2.45 -16.76 0.43
N THR A 135 3.32 -17.55 1.04
CA THR A 135 4.73 -17.20 1.17
C THR A 135 5.55 -18.22 0.40
N LEU A 136 6.50 -17.75 -0.38
CA LEU A 136 7.47 -18.65 -0.99
C LEU A 136 8.86 -18.28 -0.50
N SER A 137 9.85 -18.95 -1.05
CA SER A 137 11.24 -18.71 -0.70
C SER A 137 12.09 -18.84 -1.96
N GLY A 138 13.32 -18.34 -1.89
CA GLY A 138 14.21 -18.41 -3.05
C GLY A 138 14.50 -19.84 -3.48
N ALA A 139 14.85 -20.70 -2.52
CA ALA A 139 15.15 -22.08 -2.89
C ALA A 139 13.93 -22.75 -3.52
N VAL A 140 12.75 -22.52 -2.96
CA VAL A 140 11.52 -23.11 -3.48
C VAL A 140 11.22 -22.55 -4.88
N LEU A 141 11.32 -21.23 -5.06
CA LEU A 141 11.13 -20.68 -6.39
C LEU A 141 12.05 -21.36 -7.40
N GLY A 142 13.32 -21.55 -7.04
CA GLY A 142 14.23 -22.23 -7.94
C GLY A 142 13.76 -23.64 -8.30
N ASP A 143 13.32 -24.40 -7.30
CA ASP A 143 12.89 -25.76 -7.59
C ASP A 143 11.58 -25.80 -8.38
N ILE A 144 10.71 -24.80 -8.22
CA ILE A 144 9.53 -24.70 -9.07
C ILE A 144 9.94 -24.45 -10.52
N TYR A 145 10.81 -23.46 -10.72
CA TYR A 145 11.25 -23.14 -12.08
C TYR A 145 12.15 -24.23 -12.65
N LEU A 146 12.79 -25.04 -11.80
CA LEU A 146 13.49 -26.22 -12.31
C LEU A 146 12.56 -27.32 -12.79
N GLY A 147 11.27 -27.24 -12.51
CA GLY A 147 10.37 -28.33 -12.82
C GLY A 147 10.33 -29.43 -11.79
N LYS A 148 10.99 -29.24 -10.64
CA LYS A 148 11.08 -30.30 -9.65
C LYS A 148 9.83 -30.34 -8.77
N ILE A 149 9.31 -29.18 -8.41
CA ILE A 149 8.08 -29.08 -7.65
C ILE A 149 6.93 -28.88 -8.64
N LYS A 150 5.97 -29.80 -8.63
CA LYS A 150 4.94 -29.83 -9.67
C LYS A 150 3.55 -29.45 -9.20
N LYS A 151 3.27 -29.46 -7.90
CA LYS A 151 1.93 -29.21 -7.40
C LYS A 151 1.99 -28.18 -6.28
N TRP A 152 0.88 -27.47 -6.10
CA TRP A 152 0.78 -26.42 -5.09
C TRP A 152 0.66 -26.95 -3.67
N ASN A 153 0.46 -28.25 -3.49
CA ASN A 153 0.48 -28.82 -2.15
C ASN A 153 1.81 -29.48 -1.80
N ASP A 154 2.86 -29.22 -2.60
CA ASP A 154 4.17 -29.81 -2.34
C ASP A 154 4.59 -29.53 -0.90
N PRO A 155 5.26 -30.49 -0.23
CA PRO A 155 5.73 -30.25 1.14
C PRO A 155 6.59 -29.01 1.30
N ALA A 156 7.40 -28.66 0.29
CA ALA A 156 8.28 -27.50 0.44
C ALA A 156 7.51 -26.19 0.37
N ILE A 157 6.39 -26.17 -0.36
CA ILE A 157 5.49 -25.03 -0.32
C ILE A 157 4.64 -25.07 0.94
N ALA A 158 4.15 -26.25 1.30
CA ALA A 158 3.33 -26.39 2.50
C ALA A 158 4.08 -25.93 3.75
N ALA A 159 5.38 -26.24 3.83
CA ALA A 159 6.18 -25.86 5.00
C ALA A 159 6.13 -24.37 5.27
N LEU A 160 6.02 -23.57 4.23
CA LEU A 160 6.05 -22.12 4.35
C LEU A 160 4.67 -21.52 4.55
N ASN A 161 3.61 -22.35 4.56
CA ASN A 161 2.23 -21.85 4.50
C ASN A 161 1.30 -22.61 5.44
N PRO A 162 1.63 -22.67 6.73
CA PRO A 162 0.76 -23.37 7.67
C PRO A 162 -0.68 -22.87 7.67
N LYS A 163 -0.89 -21.56 7.43
CA LYS A 163 -2.23 -20.99 7.54
C LYS A 163 -3.09 -21.22 6.30
N VAL A 164 -2.47 -21.49 5.16
CA VAL A 164 -3.16 -21.55 3.88
C VAL A 164 -3.66 -22.97 3.65
N LYS A 165 -4.92 -23.11 3.27
CA LYS A 165 -5.45 -24.42 2.86
C LYS A 165 -5.08 -24.60 1.40
N LEU A 166 -3.98 -25.31 1.15
CA LEU A 166 -3.45 -25.41 -0.21
C LEU A 166 -4.22 -26.46 -1.02
N PRO A 167 -4.46 -26.20 -2.30
CA PRO A 167 -5.02 -27.22 -3.18
C PRO A 167 -3.90 -28.09 -3.77
N ASP A 168 -4.30 -29.15 -4.44
CA ASP A 168 -3.34 -30.02 -5.11
C ASP A 168 -3.17 -29.65 -6.59
N THR A 169 -3.57 -28.44 -6.97
CA THR A 169 -3.49 -27.96 -8.35
C THR A 169 -2.07 -28.10 -8.90
N ASP A 170 -1.96 -28.60 -10.14
CA ASP A 170 -0.68 -28.56 -10.84
C ASP A 170 -0.21 -27.12 -11.00
N ILE A 171 1.09 -26.92 -10.84
CA ILE A 171 1.70 -25.63 -11.11
C ILE A 171 1.85 -25.46 -12.62
N ALA A 172 1.53 -24.27 -13.14
CA ALA A 172 1.78 -23.92 -14.53
C ALA A 172 2.82 -22.80 -14.56
N VAL A 173 4.07 -23.17 -14.87
CA VAL A 173 5.16 -22.20 -14.88
C VAL A 173 5.01 -21.26 -16.06
N VAL A 174 5.13 -19.96 -15.80
CA VAL A 174 5.16 -18.92 -16.83
C VAL A 174 6.47 -18.14 -16.70
N ARG A 175 7.10 -17.87 -17.83
CA ARG A 175 8.33 -17.06 -17.87
C ARG A 175 8.26 -16.16 -19.10
N ARG A 176 9.30 -15.34 -19.30
CA ARG A 176 9.33 -14.40 -20.43
C ARG A 176 9.83 -15.08 -21.69
N ALA A 177 9.11 -14.87 -22.80
CA ALA A 177 9.55 -15.31 -24.12
C ALA A 177 10.58 -14.35 -24.72
N ASP A 178 10.47 -13.06 -24.43
CA ASP A 178 11.37 -12.09 -25.03
C ASP A 178 12.56 -11.84 -24.12
N GLY A 179 13.65 -11.34 -24.71
CA GLY A 179 14.82 -10.96 -23.95
C GLY A 179 14.50 -9.87 -22.94
N SER A 180 14.81 -10.09 -21.67
CA SER A 180 14.14 -9.36 -20.59
C SER A 180 15.05 -9.05 -19.42
N GLY A 181 15.06 -7.78 -19.01
CA GLY A 181 15.76 -7.42 -17.79
C GLY A 181 15.05 -7.91 -16.55
N THR A 182 13.72 -8.00 -16.60
CA THR A 182 13.00 -8.64 -15.49
C THR A 182 13.43 -10.10 -15.36
N SER A 183 13.60 -10.81 -16.49
CA SER A 183 14.16 -12.17 -16.41
C SER A 183 15.57 -12.15 -15.83
N PHE A 184 16.36 -11.15 -16.20
CA PHE A 184 17.73 -11.12 -15.68
C PHE A 184 17.73 -10.98 -14.17
N ILE A 185 16.99 -10.02 -13.65
CA ILE A 185 16.87 -9.87 -12.18
C ILE A 185 16.38 -11.18 -11.57
N TRP A 186 15.32 -11.75 -12.15
CA TRP A 186 14.75 -12.99 -11.60
C TRP A 186 15.78 -14.12 -11.55
N THR A 187 16.49 -14.35 -12.66
CA THR A 187 17.43 -15.48 -12.72
C THR A 187 18.74 -15.18 -12.02
N ASN A 188 19.15 -13.90 -11.95
CA ASN A 188 20.26 -13.53 -11.08
C ASN A 188 19.92 -13.89 -9.64
N TYR A 189 18.69 -13.56 -9.22
CA TYR A 189 18.24 -13.92 -7.88
C TYR A 189 18.17 -15.44 -7.66
N LEU A 190 17.51 -16.16 -8.58
CA LEU A 190 17.43 -17.62 -8.44
C LEU A 190 18.81 -18.25 -8.34
N SER A 191 19.79 -17.71 -9.07
CA SER A 191 21.13 -18.28 -9.03
C SER A 191 21.78 -18.10 -7.67
N LYS A 192 21.46 -17.01 -6.96
CA LYS A 192 22.05 -16.79 -5.66
C LYS A 192 21.46 -17.70 -4.59
N VAL A 193 20.20 -18.11 -4.74
CA VAL A 193 19.49 -18.80 -3.68
C VAL A 193 19.18 -20.24 -3.99
N ASN A 194 19.56 -20.75 -5.17
CA ASN A 194 19.32 -22.15 -5.51
C ASN A 194 20.51 -22.66 -6.33
N ASP A 195 21.38 -23.44 -5.69
CA ASP A 195 22.61 -23.90 -6.34
C ASP A 195 22.34 -24.68 -7.61
N GLU A 196 21.32 -25.57 -7.59
CA GLU A 196 21.02 -26.33 -8.79
C GLU A 196 20.66 -25.41 -9.95
N TRP A 197 19.87 -24.36 -9.68
CA TRP A 197 19.54 -23.43 -10.75
C TRP A 197 20.79 -22.74 -11.26
N LYS A 198 21.67 -22.31 -10.36
CA LYS A 198 22.86 -21.59 -10.78
C LYS A 198 23.70 -22.43 -11.72
N SER A 199 23.90 -23.71 -11.38
CA SER A 199 24.80 -24.52 -12.18
C SER A 199 24.13 -25.03 -13.44
N LYS A 200 22.82 -25.29 -13.39
CA LYS A 200 22.14 -25.85 -14.56
C LYS A 200 21.56 -24.79 -15.51
N VAL A 201 21.14 -23.62 -15.01
CA VAL A 201 20.48 -22.62 -15.84
C VAL A 201 21.20 -21.27 -15.81
N GLY A 202 21.61 -20.80 -14.63
CA GLY A 202 22.32 -19.53 -14.59
C GLY A 202 21.39 -18.34 -14.77
N GLU A 203 21.97 -17.23 -15.23
CA GLU A 203 21.23 -15.97 -15.31
C GLU A 203 21.46 -15.32 -16.67
N GLY A 204 20.51 -14.49 -17.07
CA GLY A 204 20.64 -13.74 -18.31
C GLY A 204 19.31 -13.13 -18.69
N THR A 205 19.39 -12.23 -19.69
CA THR A 205 18.15 -11.71 -20.28
C THR A 205 17.38 -12.80 -21.00
N THR A 206 18.08 -13.84 -21.45
CA THR A 206 17.46 -15.10 -21.82
C THR A 206 18.24 -16.21 -21.14
N VAL A 207 17.54 -17.30 -20.81
CA VAL A 207 18.18 -18.50 -20.29
C VAL A 207 17.47 -19.67 -20.92
N ASN A 208 18.07 -20.86 -20.80
CA ASN A 208 17.43 -22.09 -21.27
C ASN A 208 16.52 -22.61 -20.16
N TRP A 209 15.32 -22.04 -20.11
CA TRP A 209 14.35 -22.42 -19.08
C TRP A 209 14.11 -23.92 -19.13
N PRO A 210 14.15 -24.63 -18.00
CA PRO A 210 13.77 -26.05 -18.02
C PRO A 210 12.31 -26.27 -18.41
N THR A 211 11.43 -25.31 -18.13
CA THR A 211 10.01 -25.49 -18.44
C THR A 211 9.34 -24.13 -18.34
N GLY A 212 8.23 -23.97 -19.04
CA GLY A 212 7.43 -22.77 -18.82
C GLY A 212 6.86 -22.11 -20.06
N THR A 213 5.61 -21.71 -19.95
CA THR A 213 4.95 -20.96 -21.01
C THR A 213 5.65 -19.62 -21.19
N GLY A 214 5.81 -19.19 -22.44
CA GLY A 214 6.51 -17.94 -22.69
C GLY A 214 5.62 -16.75 -22.98
N GLY A 215 5.53 -15.80 -22.05
CA GLY A 215 4.75 -14.60 -22.26
C GLY A 215 5.62 -13.46 -22.75
N LYS A 216 5.05 -12.61 -23.61
CA LYS A 216 5.79 -11.50 -24.19
C LYS A 216 5.59 -10.25 -23.33
N GLY A 217 6.68 -9.75 -22.75
CA GLY A 217 6.61 -8.57 -21.90
C GLY A 217 6.04 -8.87 -20.52
N ASN A 218 6.17 -7.88 -19.62
CA ASN A 218 5.49 -7.99 -18.33
C ASN A 218 3.98 -8.17 -18.52
N ASP A 219 3.39 -7.47 -19.49
CA ASP A 219 1.94 -7.62 -19.75
C ASP A 219 1.58 -9.06 -20.13
N GLY A 220 2.38 -9.69 -20.98
CA GLY A 220 2.03 -11.03 -21.44
C GLY A 220 2.14 -12.06 -20.34
N VAL A 221 3.15 -11.93 -19.47
CA VAL A 221 3.25 -12.80 -18.31
C VAL A 221 2.06 -12.56 -17.39
N ALA A 222 1.71 -11.28 -17.17
CA ALA A 222 0.58 -10.99 -16.29
C ALA A 222 -0.69 -11.61 -16.83
N ALA A 223 -0.90 -11.55 -18.14
CA ALA A 223 -2.14 -12.06 -18.70
C ALA A 223 -2.19 -13.58 -18.58
N PHE A 224 -1.05 -14.26 -18.80
CA PHE A 224 -1.05 -15.72 -18.68
C PHE A 224 -1.34 -16.15 -17.25
N VAL A 225 -0.74 -15.47 -16.28
CA VAL A 225 -0.92 -15.88 -14.89
C VAL A 225 -2.37 -15.69 -14.47
N GLN A 226 -3.00 -14.57 -14.85
CA GLN A 226 -4.39 -14.39 -14.45
C GLN A 226 -5.36 -15.38 -15.10
N ARG A 227 -4.96 -16.04 -16.19
CA ARG A 227 -5.93 -16.92 -16.84
C ARG A 227 -5.61 -18.41 -16.77
N LEU A 228 -4.37 -18.80 -16.51
CA LEU A 228 -4.06 -20.22 -16.42
C LEU A 228 -4.17 -20.71 -14.97
N PRO A 229 -5.09 -21.62 -14.65
CA PRO A 229 -5.19 -22.12 -13.27
C PRO A 229 -3.87 -22.75 -12.81
N GLY A 230 -3.50 -22.46 -11.56
CA GLY A 230 -2.24 -22.91 -11.01
C GLY A 230 -1.00 -22.18 -11.50
N ALA A 231 -1.16 -21.08 -12.25
CA ALA A 231 -0.02 -20.40 -12.82
C ALA A 231 0.86 -19.78 -11.75
N ILE A 232 2.17 -19.74 -12.03
CA ILE A 232 3.10 -18.86 -11.34
C ILE A 232 3.91 -18.10 -12.40
N GLY A 233 4.15 -16.82 -12.13
CA GLY A 233 5.02 -16.01 -12.98
C GLY A 233 5.76 -14.98 -12.16
N TYR A 234 6.54 -14.14 -12.83
CA TYR A 234 7.24 -13.03 -12.19
C TYR A 234 7.01 -11.76 -13.01
N VAL A 235 6.68 -10.65 -12.34
CA VAL A 235 6.39 -9.39 -13.01
C VAL A 235 6.95 -8.26 -12.15
N GLU A 236 7.32 -7.16 -12.81
CA GLU A 236 7.64 -5.94 -12.08
C GLU A 236 6.39 -5.49 -11.32
N TRP A 237 6.62 -4.92 -10.12
CA TRP A 237 5.54 -4.76 -9.13
C TRP A 237 4.35 -3.98 -9.67
N ALA A 238 4.60 -2.94 -10.46
CA ALA A 238 3.49 -2.13 -10.97
C ALA A 238 2.50 -2.98 -11.77
N TYR A 239 2.97 -4.06 -12.38
CA TYR A 239 2.07 -4.90 -13.16
C TYR A 239 1.18 -5.73 -12.26
N ALA A 240 1.73 -6.18 -11.12
CA ALA A 240 0.88 -6.89 -10.17
C ALA A 240 -0.18 -5.98 -9.60
N LYS A 241 0.19 -4.74 -9.28
CA LYS A 241 -0.75 -3.82 -8.64
C LYS A 241 -1.83 -3.39 -9.62
N LYS A 242 -1.45 -2.99 -10.83
CA LYS A 242 -2.44 -2.55 -11.80
C LYS A 242 -3.45 -3.64 -12.10
N ASN A 243 -3.01 -4.90 -12.14
CA ASN A 243 -3.91 -6.00 -12.48
C ASN A 243 -4.49 -6.72 -11.26
N ASN A 244 -4.29 -6.19 -10.05
CA ASN A 244 -4.85 -6.77 -8.84
C ASN A 244 -4.45 -8.23 -8.71
N MET A 245 -3.20 -8.52 -9.01
CA MET A 245 -2.74 -9.89 -9.09
C MET A 245 -2.44 -10.44 -7.70
N VAL A 246 -2.42 -11.76 -7.60
CA VAL A 246 -2.13 -12.45 -6.34
C VAL A 246 -0.61 -12.60 -6.28
N TYR A 247 0.04 -11.64 -5.65
CA TYR A 247 1.47 -11.76 -5.39
C TYR A 247 1.67 -12.62 -4.15
N THR A 248 2.90 -13.11 -3.97
CA THR A 248 3.27 -13.83 -2.78
C THR A 248 4.23 -13.00 -1.94
N ALA A 249 4.23 -13.26 -0.63
CA ALA A 249 5.32 -12.89 0.25
C ALA A 249 6.53 -13.77 -0.05
N LEU A 250 7.68 -13.36 0.46
CA LEU A 250 8.89 -14.17 0.37
C LEU A 250 9.61 -14.15 1.71
N LYS A 251 10.18 -15.30 2.08
CA LYS A 251 11.14 -15.35 3.18
C LYS A 251 12.49 -14.89 2.66
N ASN A 252 13.07 -13.85 3.27
CA ASN A 252 14.33 -13.36 2.73
C ASN A 252 15.51 -14.07 3.41
N SER A 253 16.73 -13.68 3.04
CA SER A 253 17.92 -14.33 3.56
C SER A 253 18.06 -14.20 5.07
N THR A 254 17.42 -13.20 5.66
CA THR A 254 17.37 -13.07 7.12
C THR A 254 16.44 -14.09 7.75
N GLY A 255 15.49 -14.62 7.00
CA GLY A 255 14.46 -15.48 7.55
C GLY A 255 13.16 -14.77 7.85
N THR A 256 13.09 -13.47 7.59
CA THR A 256 11.86 -12.68 7.72
C THR A 256 10.96 -12.95 6.53
N VAL A 257 9.67 -13.17 6.81
CA VAL A 257 8.65 -13.12 5.77
C VAL A 257 8.35 -11.65 5.48
N VAL A 258 8.61 -11.20 4.27
CA VAL A 258 8.38 -9.81 3.90
C VAL A 258 7.30 -9.75 2.84
N GLU A 259 6.39 -8.76 2.97
CA GLU A 259 5.53 -8.58 1.81
C GLU A 259 6.20 -7.64 0.82
N PRO A 260 5.83 -7.72 -0.46
CA PRO A 260 6.34 -6.74 -1.42
C PRO A 260 5.61 -5.42 -1.25
N LYS A 261 6.38 -4.34 -1.07
CA LYS A 261 5.81 -3.02 -0.85
C LYS A 261 6.97 -2.03 -0.89
N THR A 262 6.63 -0.74 -1.00
CA THR A 262 7.63 0.32 -1.07
C THR A 262 8.70 0.14 0.00
N GLU A 263 8.27 -0.09 1.24
CA GLU A 263 9.23 -0.16 2.36
C GLU A 263 10.24 -1.29 2.15
N THR A 264 9.78 -2.45 1.68
CA THR A 264 10.73 -3.56 1.56
C THR A 264 11.56 -3.44 0.29
N PHE A 265 11.03 -2.83 -0.78
CA PHE A 265 11.87 -2.51 -1.93
C PHE A 265 12.98 -1.54 -1.50
N LYS A 266 12.61 -0.50 -0.78
CA LYS A 266 13.60 0.49 -0.33
C LYS A 266 14.65 -0.14 0.57
N ALA A 267 14.23 -1.07 1.44
CA ALA A 267 15.16 -1.72 2.36
C ALA A 267 16.19 -2.54 1.60
N ALA A 268 15.84 -3.01 0.40
CA ALA A 268 16.78 -3.77 -0.41
C ALA A 268 17.81 -2.86 -1.05
N ALA A 269 17.40 -1.68 -1.47
CA ALA A 269 18.28 -0.74 -2.15
C ALA A 269 19.28 -0.07 -1.22
N ALA A 270 19.11 -0.20 0.10
CA ALA A 270 20.00 0.47 1.03
C ALA A 270 21.43 -0.06 0.88
N GLY A 271 22.39 0.86 0.91
CA GLY A 271 23.80 0.51 0.95
C GLY A 271 24.48 0.28 -0.38
N ALA A 272 23.76 0.43 -1.50
CA ALA A 272 24.37 0.21 -2.80
C ALA A 272 25.47 1.24 -3.06
N ASN A 273 26.60 0.80 -3.60
CA ASN A 273 27.76 1.66 -3.82
C ASN A 273 27.70 2.23 -5.24
N TRP A 274 26.67 3.06 -5.45
CA TRP A 274 26.53 3.76 -6.72
C TRP A 274 27.79 4.53 -7.11
N SER A 275 28.42 5.19 -6.13
CA SER A 275 29.55 6.06 -6.44
C SER A 275 30.72 5.29 -7.03
N LYS A 276 30.83 3.99 -6.72
CA LYS A 276 31.89 3.18 -7.31
C LYS A 276 31.52 2.74 -8.72
N SER A 277 30.33 2.16 -8.88
CA SER A 277 29.88 1.76 -10.20
C SER A 277 28.35 1.84 -10.26
N PHE A 278 27.83 2.26 -11.41
CA PHE A 278 26.39 2.21 -11.62
C PHE A 278 25.89 0.79 -11.85
N TYR A 279 26.77 -0.13 -12.25
CA TYR A 279 26.43 -1.55 -12.33
C TYR A 279 26.14 -2.08 -10.94
N GLN A 280 24.86 -2.14 -10.56
CA GLN A 280 24.53 -2.61 -9.21
C GLN A 280 23.36 -3.58 -9.25
N ILE A 281 23.54 -4.75 -8.64
CA ILE A 281 22.55 -5.84 -8.66
C ILE A 281 21.97 -5.99 -7.25
N LEU A 282 20.66 -5.80 -7.11
CA LEU A 282 20.03 -5.59 -5.81
C LEU A 282 19.15 -6.76 -5.37
N THR A 283 19.49 -7.97 -5.81
CA THR A 283 18.78 -9.19 -5.40
C THR A 283 19.39 -9.77 -4.14
N ASN A 284 18.55 -10.50 -3.40
CA ASN A 284 18.95 -11.25 -2.19
C ASN A 284 19.77 -10.37 -1.24
N GLN A 285 19.28 -9.14 -1.02
CA GLN A 285 20.03 -8.21 -0.19
C GLN A 285 19.87 -8.53 1.30
N PRO A 286 20.87 -8.20 2.12
CA PRO A 286 20.94 -8.76 3.48
C PRO A 286 20.05 -8.12 4.52
N GLY A 287 19.38 -7.01 4.23
CA GLY A 287 18.60 -6.32 5.24
C GLY A 287 17.47 -7.18 5.79
N LYS A 288 17.13 -6.94 7.06
CA LYS A 288 16.08 -7.74 7.69
C LYS A 288 14.71 -7.51 7.06
N GLU A 289 14.44 -6.31 6.54
CA GLU A 289 13.18 -6.03 5.85
C GLU A 289 13.35 -5.94 4.33
N ALA A 290 14.45 -6.46 3.79
CA ALA A 290 14.74 -6.33 2.38
C ALA A 290 13.89 -7.29 1.56
N TRP A 291 13.10 -6.75 0.63
CA TRP A 291 12.46 -7.59 -0.37
C TRP A 291 13.55 -8.26 -1.20
N PRO A 292 13.49 -9.57 -1.42
CA PRO A 292 14.63 -10.28 -2.06
C PRO A 292 14.84 -10.01 -3.55
N VAL A 293 13.85 -9.52 -4.30
CA VAL A 293 13.94 -9.46 -5.77
C VAL A 293 13.71 -8.03 -6.20
N VAL A 294 14.81 -7.29 -6.30
CA VAL A 294 14.77 -5.86 -6.58
C VAL A 294 15.86 -5.59 -7.60
N GLY A 295 15.62 -4.59 -8.45
CA GLY A 295 16.64 -4.19 -9.40
C GLY A 295 16.50 -2.73 -9.73
N ALA A 296 17.62 -2.10 -10.03
CA ALA A 296 17.56 -0.82 -10.69
C ALA A 296 17.24 -1.01 -12.18
N THR A 297 16.75 0.04 -12.79
CA THR A 297 16.57 0.08 -14.23
C THR A 297 17.41 1.24 -14.77
N PHE A 298 17.84 1.12 -16.04
CA PHE A 298 18.93 1.92 -16.57
C PHE A 298 18.56 2.50 -17.93
N VAL A 299 19.15 3.67 -18.22
CA VAL A 299 19.09 4.27 -19.54
C VAL A 299 20.47 4.17 -20.18
N LEU A 300 20.49 3.82 -21.47
CA LEU A 300 21.72 3.78 -22.26
C LEU A 300 21.59 4.74 -23.43
N LEU A 301 22.65 5.54 -23.65
CA LEU A 301 22.69 6.34 -24.86
C LEU A 301 24.14 6.44 -25.29
N HIS A 302 24.34 6.84 -26.55
CA HIS A 302 25.69 6.86 -27.07
C HIS A 302 26.50 7.98 -26.42
N ALA A 303 27.75 7.66 -26.09
CA ALA A 303 28.60 8.63 -25.41
C ALA A 303 28.98 9.76 -26.36
N LYS A 304 29.13 9.45 -27.64
CA LYS A 304 29.35 10.43 -28.70
C LYS A 304 28.05 10.57 -29.46
N GLN A 305 27.41 11.73 -29.34
CA GLN A 305 26.11 11.97 -29.94
C GLN A 305 26.25 12.43 -31.38
N ASP A 306 25.78 11.60 -32.33
CA ASP A 306 25.73 12.04 -33.72
C ASP A 306 24.80 13.24 -33.88
N LYS A 307 23.76 13.34 -33.06
CA LYS A 307 22.80 14.44 -33.09
C LYS A 307 22.81 15.09 -31.70
N PRO A 308 23.78 15.97 -31.42
CA PRO A 308 23.93 16.50 -30.05
C PRO A 308 22.64 17.04 -29.46
N ALA A 309 21.79 17.69 -30.26
CA ALA A 309 20.52 18.19 -29.76
C ALA A 309 19.60 17.08 -29.29
N GLN A 310 19.65 15.90 -29.95
CA GLN A 310 18.87 14.77 -29.45
C GLN A 310 19.36 14.32 -28.08
N GLY A 311 20.68 14.19 -27.91
CA GLY A 311 21.21 13.79 -26.62
C GLY A 311 20.89 14.80 -25.53
N ALA A 312 20.92 16.09 -25.88
CA ALA A 312 20.59 17.14 -24.92
C ALA A 312 19.14 17.03 -24.46
N GLU A 313 18.23 16.76 -25.39
CA GLU A 313 16.82 16.60 -25.02
C GLU A 313 16.60 15.38 -24.16
N THR A 314 17.34 14.30 -24.46
CA THR A 314 17.24 13.11 -23.62
C THR A 314 17.68 13.43 -22.21
N LEU A 315 18.88 14.00 -22.06
CA LEU A 315 19.36 14.36 -20.73
C LEU A 315 18.45 15.39 -20.07
N LYS A 316 17.90 16.33 -20.84
CA LYS A 316 16.97 17.31 -20.27
C LYS A 316 15.76 16.62 -19.67
N PHE A 317 15.27 15.57 -20.33
CA PHE A 317 14.07 14.88 -19.86
C PHE A 317 14.32 14.17 -18.54
N PHE A 318 15.43 13.44 -18.45
CA PHE A 318 15.70 12.70 -17.23
C PHE A 318 16.16 13.63 -16.12
N ASP A 319 16.80 14.76 -16.44
CA ASP A 319 17.09 15.75 -15.42
CA ASP A 319 17.09 15.75 -15.42
C ASP A 319 15.80 16.27 -14.82
N TRP A 320 14.82 16.59 -15.67
CA TRP A 320 13.52 17.04 -15.20
C TRP A 320 12.86 15.96 -14.35
N ALA A 321 12.96 14.72 -14.80
CA ALA A 321 12.35 13.62 -14.06
C ALA A 321 12.96 13.47 -12.68
N PHE A 322 14.28 13.57 -12.58
CA PHE A 322 14.95 13.52 -11.27
C PHE A 322 14.49 14.66 -10.39
N LYS A 323 14.32 15.88 -10.96
CA LYS A 323 13.93 17.03 -10.15
C LYS A 323 12.46 16.99 -9.77
N ASN A 324 11.57 16.58 -10.70
CA ASN A 324 10.13 16.83 -10.54
C ASN A 324 9.27 15.59 -10.53
N GLY A 325 9.83 14.42 -10.85
CA GLY A 325 9.05 13.22 -10.99
C GLY A 325 9.04 12.27 -9.81
N ALA A 326 9.51 12.70 -8.63
CA ALA A 326 9.61 11.79 -7.49
C ALA A 326 8.25 11.28 -7.03
N LYS A 327 7.22 12.15 -6.99
CA LYS A 327 5.92 11.66 -6.53
C LYS A 327 5.30 10.70 -7.54
N ALA A 328 5.52 10.92 -8.84
CA ALA A 328 5.06 9.96 -9.85
C ALA A 328 5.69 8.58 -9.63
N ALA A 329 7.00 8.54 -9.37
CA ALA A 329 7.67 7.28 -9.13
C ALA A 329 7.11 6.61 -7.88
N ASP A 330 7.03 7.36 -6.79
CA ASP A 330 6.48 6.81 -5.56
C ASP A 330 5.04 6.36 -5.75
N ASP A 331 4.23 7.11 -6.49
CA ASP A 331 2.84 6.72 -6.68
C ASP A 331 2.72 5.36 -7.38
N LEU A 332 3.73 4.97 -8.13
CA LEU A 332 3.76 3.66 -8.77
C LEU A 332 4.56 2.65 -7.96
N ASP A 333 4.98 3.03 -6.75
CA ASP A 333 5.74 2.20 -5.82
C ASP A 333 7.13 1.86 -6.34
N TYR A 334 7.68 2.67 -7.25
CA TYR A 334 9.11 2.59 -7.46
C TYR A 334 9.84 3.28 -6.32
N ILE A 335 11.15 3.04 -6.23
CA ILE A 335 12.04 3.71 -5.28
C ILE A 335 12.90 4.71 -6.04
N SER A 336 12.81 6.00 -5.68
CA SER A 336 13.67 6.99 -6.31
C SER A 336 15.10 6.83 -5.83
N LEU A 337 16.05 7.19 -6.70
CA LEU A 337 17.45 7.20 -6.30
C LEU A 337 17.69 8.27 -5.23
N PRO A 338 18.68 8.06 -4.36
CA PRO A 338 19.04 9.11 -3.40
C PRO A 338 19.49 10.38 -4.13
N ALA A 339 19.28 11.52 -3.46
CA ALA A 339 19.65 12.80 -4.08
C ALA A 339 21.12 12.83 -4.44
N SER A 340 21.98 12.26 -3.59
CA SER A 340 23.42 12.29 -3.87
C SER A 340 23.77 11.48 -5.11
N VAL A 341 23.01 10.40 -5.39
CA VAL A 341 23.23 9.59 -6.58
C VAL A 341 22.80 10.33 -7.83
N GLU A 342 21.66 11.03 -7.77
CA GLU A 342 21.24 11.83 -8.91
C GLU A 342 22.24 12.95 -9.18
N THR A 343 22.82 13.52 -8.13
CA THR A 343 23.86 14.54 -8.32
C THR A 343 25.08 13.95 -9.04
N GLU A 344 25.48 12.74 -8.65
CA GLU A 344 26.61 12.08 -9.31
C GLU A 344 26.29 11.77 -10.77
N ILE A 345 25.07 11.34 -11.06
CA ILE A 345 24.69 11.06 -12.44
C ILE A 345 24.80 12.31 -13.31
N ARG A 346 24.32 13.44 -12.79
CA ARG A 346 24.44 14.71 -13.51
C ARG A 346 25.89 15.07 -13.78
N LYS A 347 26.76 14.88 -12.78
CA LYS A 347 28.18 15.17 -13.02
C LYS A 347 28.71 14.30 -14.15
N GLN A 348 28.33 13.02 -14.16
CA GLN A 348 28.83 12.11 -15.19
C GLN A 348 28.22 12.38 -16.57
N TRP A 349 26.92 12.69 -16.66
CA TRP A 349 26.23 13.06 -17.91
CA TRP A 349 26.47 12.84 -18.01
C TRP A 349 26.98 14.13 -18.68
N LYS A 350 27.39 15.16 -17.94
CA LYS A 350 27.99 16.32 -18.60
C LYS A 350 29.40 16.01 -19.07
N VAL A 351 30.09 15.12 -18.36
CA VAL A 351 31.45 14.73 -18.72
C VAL A 351 31.45 13.69 -19.84
N LYS A 352 30.49 12.76 -19.82
CA LYS A 352 30.59 11.55 -20.64
C LYS A 352 29.68 11.52 -21.86
N VAL A 353 28.61 12.31 -21.90
CA VAL A 353 27.76 12.38 -23.09
C VAL A 353 28.09 13.70 -23.79
N THR A 354 28.72 13.60 -24.96
CA THR A 354 29.31 14.75 -25.64
C THR A 354 28.99 14.67 -27.13
N ASP A 355 29.27 15.77 -27.84
CA ASP A 355 29.29 15.67 -29.29
C ASP A 355 30.56 14.93 -29.72
N ALA A 356 30.76 14.84 -31.03
CA ALA A 356 31.93 14.14 -31.55
C ALA A 356 33.24 14.86 -31.24
N ALA A 357 33.19 16.14 -30.85
CA ALA A 357 34.38 16.88 -30.47
C ALA A 357 34.72 16.72 -29.00
N GLY A 358 33.88 16.07 -28.22
CA GLY A 358 34.10 15.99 -26.79
C GLY A 358 33.44 17.05 -25.95
N LYS A 359 32.58 17.89 -26.54
CA LYS A 359 31.91 18.94 -25.79
C LYS A 359 30.57 18.44 -25.27
N ALA A 360 30.29 18.74 -24.01
CA ALA A 360 29.06 18.32 -23.35
C ALA A 360 27.84 18.71 -24.18
N VAL A 361 26.87 17.80 -24.25
CA VAL A 361 25.61 18.15 -24.89
C VAL A 361 24.67 18.86 -23.92
N ALA A 362 24.81 18.60 -22.61
CA ALA A 362 24.00 19.26 -21.60
C ALA A 362 24.66 20.55 -21.12
N ALA B 43 -28.98 -5.95 33.03
CA ALA B 43 -27.74 -5.24 32.72
C ALA B 43 -26.55 -6.18 32.83
N ASP B 44 -26.64 -7.34 32.18
CA ASP B 44 -25.73 -8.43 32.49
C ASP B 44 -24.28 -8.10 32.11
N ILE B 45 -24.05 -7.41 30.97
CA ILE B 45 -22.69 -7.17 30.52
C ILE B 45 -22.45 -5.69 30.23
N THR B 46 -21.21 -5.26 30.43
CA THR B 46 -20.84 -3.86 30.23
C THR B 46 -19.62 -3.75 29.35
N GLY B 47 -19.71 -2.90 28.33
CA GLY B 47 -18.58 -2.58 27.48
C GLY B 47 -18.26 -1.09 27.57
N ALA B 48 -17.09 -0.72 27.05
CA ALA B 48 -16.74 0.70 27.09
C ALA B 48 -15.67 0.98 26.04
N GLY B 49 -15.70 2.21 25.51
CA GLY B 49 -14.63 2.67 24.64
C GLY B 49 -15.09 3.38 23.38
N SER B 50 -14.73 2.81 22.23
CA SER B 50 -14.93 3.40 20.91
C SER B 50 -16.29 4.06 20.75
N THR B 51 -16.29 5.37 20.44
CA THR B 51 -17.51 6.02 19.98
C THR B 51 -17.69 5.83 18.48
N PHE B 52 -16.62 5.45 17.79
CA PHE B 52 -16.69 5.08 16.37
C PHE B 52 -17.72 3.98 16.15
N ALA B 53 -17.73 2.99 17.03
CA ALA B 53 -18.60 1.83 16.89
C ALA B 53 -19.90 1.97 17.68
N MET B 54 -20.01 2.96 18.56
CA MET B 54 -21.18 3.08 19.42
C MET B 54 -22.51 3.09 18.67
N PRO B 55 -22.68 3.82 17.55
CA PRO B 55 -23.99 3.81 16.89
C PRO B 55 -24.51 2.42 16.56
N ILE B 56 -23.65 1.50 16.08
CA ILE B 56 -24.15 0.17 15.75
C ILE B 56 -24.24 -0.71 17.00
N TYR B 57 -23.30 -0.58 17.93
CA TYR B 57 -23.40 -1.39 19.15
C TYR B 57 -24.70 -1.09 19.89
N THR B 58 -25.12 0.18 19.89
CA THR B 58 -26.38 0.58 20.51
C THR B 58 -27.57 -0.12 19.84
N LYS B 59 -27.60 -0.12 18.52
CA LYS B 59 -28.71 -0.76 17.80
C LYS B 59 -28.68 -2.27 18.00
N TRP B 60 -27.50 -2.89 17.84
CA TRP B 60 -27.37 -4.32 18.08
C TRP B 60 -27.84 -4.70 19.48
N ALA B 61 -27.51 -3.88 20.48
CA ALA B 61 -27.88 -4.20 21.86
C ALA B 61 -29.38 -4.04 22.10
N ALA B 62 -30.01 -3.06 21.45
CA ALA B 62 -31.46 -2.94 21.58
C ALA B 62 -32.17 -4.14 20.97
N ASP B 63 -31.74 -4.55 19.77
CA ASP B 63 -32.40 -5.66 19.10
C ASP B 63 -32.08 -6.99 19.79
N TYR B 64 -30.85 -7.13 20.29
CA TYR B 64 -30.48 -8.35 21.03
C TYR B 64 -31.34 -8.52 22.27
N GLN B 65 -31.59 -7.43 22.99
CA GLN B 65 -32.38 -7.51 24.21
C GLN B 65 -33.86 -7.71 23.88
N GLN B 66 -34.32 -7.16 22.76
CA GLN B 66 -35.72 -7.34 22.37
C GLN B 66 -36.02 -8.80 22.04
N SER B 67 -35.04 -9.54 21.52
CA SER B 67 -35.21 -10.95 21.18
C SER B 67 -34.98 -11.88 22.37
N GLY B 68 -34.71 -11.34 23.55
CA GLY B 68 -34.48 -12.15 24.74
C GLY B 68 -33.04 -12.20 25.22
N GLY B 69 -32.12 -11.49 24.56
CA GLY B 69 -30.74 -11.51 24.98
C GLY B 69 -30.46 -10.65 26.20
N ALA B 70 -29.29 -10.85 26.78
CA ALA B 70 -28.88 -10.09 27.95
C ALA B 70 -28.85 -8.59 27.64
N LYS B 71 -28.93 -7.78 28.68
CA LYS B 71 -28.82 -6.35 28.49
C LYS B 71 -27.36 -5.95 28.39
N VAL B 72 -27.02 -5.21 27.35
CA VAL B 72 -25.67 -4.76 27.09
C VAL B 72 -25.60 -3.28 27.40
N ASN B 73 -24.71 -2.90 28.31
CA ASN B 73 -24.43 -1.51 28.62
C ASN B 73 -23.10 -1.14 27.98
N TYR B 74 -23.06 -0.01 27.29
CA TYR B 74 -21.86 0.38 26.58
C TYR B 74 -21.60 1.86 26.79
N GLN B 75 -20.40 2.21 27.23
CA GLN B 75 -20.03 3.58 27.55
C GLN B 75 -19.08 4.11 26.47
N GLY B 76 -19.50 5.16 25.78
CA GLY B 76 -18.66 5.72 24.75
C GLY B 76 -17.67 6.73 25.30
N ILE B 77 -16.52 6.24 25.74
CA ILE B 77 -15.50 7.05 26.37
C ILE B 77 -14.25 7.17 25.53
N GLY B 78 -14.25 6.62 24.32
CA GLY B 78 -13.13 6.63 23.41
C GLY B 78 -12.27 5.39 23.61
N SER B 79 -11.54 5.03 22.54
CA SER B 79 -10.79 3.77 22.54
C SER B 79 -9.75 3.71 23.64
N SER B 80 -9.05 4.82 23.91
CA SER B 80 -8.01 4.78 24.93
C SER B 80 -8.61 4.55 26.31
N GLY B 81 -9.74 5.17 26.61
CA GLY B 81 -10.41 4.90 27.86
C GLY B 81 -10.91 3.47 27.92
N GLY B 82 -11.39 2.95 26.78
CA GLY B 82 -11.82 1.56 26.74
C GLY B 82 -10.69 0.61 27.06
N LEU B 83 -9.51 0.86 26.49
CA LEU B 83 -8.37 0.00 26.80
C LEU B 83 -8.03 0.03 28.29
N LYS B 84 -8.00 1.23 28.89
CA LYS B 84 -7.67 1.32 30.31
C LYS B 84 -8.65 0.51 31.16
N GLN B 85 -9.95 0.57 30.86
CA GLN B 85 -10.95 -0.06 31.72
CA GLN B 85 -10.92 -0.07 31.74
C GLN B 85 -10.97 -1.58 31.58
N ILE B 86 -10.66 -2.13 30.40
CA ILE B 86 -10.62 -3.58 30.30
C ILE B 86 -9.37 -4.12 30.98
N VAL B 87 -8.26 -3.39 30.88
CA VAL B 87 -7.04 -3.76 31.60
C VAL B 87 -7.28 -3.74 33.11
N ALA B 88 -7.96 -2.70 33.60
CA ALA B 88 -8.28 -2.61 35.02
C ALA B 88 -9.40 -3.55 35.44
N LYS B 89 -10.05 -4.21 34.47
CA LYS B 89 -11.12 -5.19 34.72
C LYS B 89 -12.34 -4.52 35.36
N THR B 90 -12.63 -3.30 34.92
CA THR B 90 -13.83 -2.58 35.35
C THR B 90 -14.99 -2.73 34.36
N VAL B 91 -14.76 -3.37 33.21
CA VAL B 91 -15.80 -3.66 32.24
C VAL B 91 -15.57 -5.07 31.70
N ASP B 92 -16.61 -5.64 31.12
CA ASP B 92 -16.50 -6.99 30.57
C ASP B 92 -15.78 -6.98 29.23
N PHE B 93 -15.86 -5.88 28.48
CA PHE B 93 -15.14 -5.80 27.22
C PHE B 93 -14.93 -4.34 26.87
N ALA B 94 -13.97 -4.10 25.99
CA ALA B 94 -13.69 -2.78 25.45
C ALA B 94 -13.90 -2.79 23.94
N GLY B 95 -14.30 -1.64 23.40
CA GLY B 95 -14.28 -1.41 21.96
C GLY B 95 -13.15 -0.45 21.65
N SER B 96 -12.40 -0.73 20.59
CA SER B 96 -11.29 0.15 20.23
C SER B 96 -11.06 0.13 18.72
N ASP B 97 -10.74 1.31 18.15
CA ASP B 97 -10.34 1.36 16.75
C ASP B 97 -8.83 1.57 16.60
N ALA B 98 -8.08 1.38 17.67
CA ALA B 98 -6.63 1.28 17.62
C ALA B 98 -6.26 -0.16 17.92
N PRO B 99 -6.12 -1.01 16.91
CA PRO B 99 -5.87 -2.43 17.16
C PRO B 99 -4.54 -2.69 17.88
N LEU B 100 -4.54 -3.68 18.76
CA LEU B 100 -3.35 -4.11 19.47
C LEU B 100 -2.59 -5.16 18.65
N LYS B 101 -1.26 -5.13 18.78
CA LYS B 101 -0.42 -6.13 18.15
C LYS B 101 -0.33 -7.37 19.05
N ASP B 102 0.19 -8.46 18.49
CA ASP B 102 0.18 -9.74 19.19
C ASP B 102 0.94 -9.65 20.50
N ASP B 103 2.07 -8.95 20.51
CA ASP B 103 2.87 -8.81 21.73
C ASP B 103 2.08 -8.11 22.84
N GLU B 104 1.29 -7.11 22.48
CA GLU B 104 0.51 -6.38 23.47
C GLU B 104 -0.67 -7.21 23.98
N LEU B 105 -1.33 -7.97 23.09
CA LEU B 105 -2.40 -8.85 23.53
C LEU B 105 -1.89 -9.89 24.53
N ALA B 106 -0.69 -10.43 24.28
CA ALA B 106 -0.17 -11.48 25.14
C ALA B 106 0.17 -10.94 26.52
N LYS B 107 0.89 -9.81 26.56
CA LYS B 107 1.26 -9.18 27.83
C LYS B 107 0.04 -8.87 28.71
N GLU B 108 -1.05 -8.40 28.10
CA GLU B 108 -2.25 -8.07 28.87
C GLU B 108 -3.21 -9.23 29.02
N GLY B 109 -2.91 -10.38 28.41
CA GLY B 109 -3.85 -11.49 28.40
C GLY B 109 -5.20 -11.12 27.82
N LEU B 110 -5.21 -10.45 26.68
CA LEU B 110 -6.43 -10.03 25.99
C LEU B 110 -6.58 -10.77 24.66
N PHE B 111 -7.84 -11.02 24.30
CA PHE B 111 -8.21 -11.52 22.97
C PHE B 111 -8.92 -10.42 22.21
N GLN B 112 -8.60 -10.28 20.92
CA GLN B 112 -9.09 -9.17 20.10
C GLN B 112 -9.74 -9.69 18.83
N PHE B 113 -10.84 -9.05 18.42
CA PHE B 113 -11.41 -9.40 17.13
C PHE B 113 -12.13 -8.20 16.55
N PRO B 114 -12.18 -8.07 15.23
CA PRO B 114 -12.90 -6.96 14.60
C PRO B 114 -14.39 -7.26 14.52
N THR B 115 -15.18 -6.19 14.34
CA THR B 115 -16.63 -6.29 14.27
C THR B 115 -17.21 -5.69 13.00
N VAL B 116 -16.88 -4.44 12.69
CA VAL B 116 -17.33 -3.79 11.46
C VAL B 116 -16.23 -2.86 11.00
N VAL B 117 -16.40 -2.37 9.77
CA VAL B 117 -15.54 -1.36 9.18
C VAL B 117 -16.38 -0.12 8.91
N GLY B 118 -15.82 1.07 9.21
CA GLY B 118 -16.56 2.30 9.05
C GLY B 118 -15.75 3.39 8.38
N GLY B 119 -16.47 4.40 7.89
CA GLY B 119 -15.83 5.57 7.29
C GLY B 119 -15.63 6.71 8.27
N VAL B 120 -14.56 7.48 8.04
CA VAL B 120 -14.28 8.73 8.77
C VAL B 120 -14.24 9.84 7.73
N VAL B 121 -14.94 10.96 8.00
CA VAL B 121 -15.09 11.99 6.96
C VAL B 121 -14.71 13.37 7.50
N PRO B 122 -14.15 14.25 6.66
CA PRO B 122 -14.08 15.67 7.04
C PRO B 122 -15.47 16.27 7.01
N VAL B 123 -15.79 17.05 8.04
CA VAL B 123 -17.03 17.80 8.11
C VAL B 123 -16.68 19.26 8.39
N ILE B 124 -17.38 20.18 7.74
CA ILE B 124 -16.96 21.57 7.74
C ILE B 124 -18.15 22.45 8.06
N ASN B 125 -17.85 23.71 8.37
CA ASN B 125 -18.85 24.73 8.64
C ASN B 125 -18.33 25.95 7.89
N VAL B 126 -18.66 26.03 6.60
CA VAL B 126 -18.14 27.06 5.72
C VAL B 126 -19.32 27.77 5.06
N PRO B 127 -19.43 29.09 5.20
CA PRO B 127 -20.59 29.81 4.67
C PRO B 127 -20.82 29.49 3.19
N GLY B 128 -22.04 29.09 2.87
CA GLY B 128 -22.43 28.84 1.49
C GLY B 128 -22.03 27.51 0.91
N VAL B 129 -21.43 26.62 1.70
CA VAL B 129 -20.95 25.33 1.20
C VAL B 129 -21.85 24.25 1.81
N LYS B 130 -22.43 23.43 0.95
CA LYS B 130 -23.32 22.36 1.37
C LYS B 130 -22.63 21.01 1.23
N ALA B 131 -23.27 19.98 1.79
CA ALA B 131 -22.68 18.64 1.84
C ALA B 131 -22.20 18.16 0.47
N GLY B 132 -20.96 17.65 0.44
CA GLY B 132 -20.39 17.07 -0.75
C GLY B 132 -19.95 18.06 -1.81
N GLU B 133 -20.20 19.36 -1.59
CA GLU B 133 -19.88 20.36 -2.61
C GLU B 133 -18.40 20.69 -2.66
N LEU B 134 -17.70 20.57 -1.54
CA LEU B 134 -16.30 20.92 -1.46
C LEU B 134 -15.43 19.67 -1.55
N THR B 135 -14.30 19.80 -2.24
CA THR B 135 -13.38 18.70 -2.43
C THR B 135 -12.05 19.09 -1.81
N LEU B 136 -11.44 18.16 -1.09
CA LEU B 136 -10.10 18.37 -0.57
C LEU B 136 -9.23 17.18 -0.97
N SER B 137 -7.92 17.34 -0.83
CA SER B 137 -6.96 16.29 -1.06
C SER B 137 -6.28 15.95 0.27
N GLY B 138 -5.62 14.79 0.28
CA GLY B 138 -4.86 14.41 1.46
C GLY B 138 -3.82 15.44 1.82
N ALA B 139 -3.05 15.89 0.83
CA ALA B 139 -2.01 16.87 1.09
C ALA B 139 -2.60 18.15 1.68
N VAL B 140 -3.70 18.63 1.10
CA VAL B 140 -4.32 19.87 1.56
C VAL B 140 -4.96 19.68 2.93
N LEU B 141 -5.56 18.51 3.17
CA LEU B 141 -6.05 18.19 4.51
C LEU B 141 -4.95 18.30 5.54
N GLY B 142 -3.78 17.74 5.24
CA GLY B 142 -2.67 17.80 6.17
C GLY B 142 -2.20 19.22 6.41
N ASP B 143 -2.14 20.02 5.34
CA ASP B 143 -1.71 21.41 5.48
C ASP B 143 -2.73 22.23 6.25
N ILE B 144 -4.01 21.85 6.21
CA ILE B 144 -4.99 22.48 7.08
C ILE B 144 -4.74 22.09 8.54
N TYR B 145 -4.56 20.79 8.80
CA TYR B 145 -4.37 20.36 10.18
C TYR B 145 -3.02 20.79 10.73
N LEU B 146 -2.03 21.02 9.87
CA LEU B 146 -0.77 21.60 10.30
C LEU B 146 -0.89 23.07 10.68
N GLY B 147 -2.00 23.72 10.33
CA GLY B 147 -2.11 25.15 10.53
C GLY B 147 -1.44 25.97 9.46
N LYS B 148 -0.97 25.34 8.37
CA LYS B 148 -0.31 26.09 7.30
C LYS B 148 -1.33 26.83 6.44
N ILE B 149 -2.45 26.19 6.12
CA ILE B 149 -3.55 26.84 5.42
C ILE B 149 -4.49 27.43 6.47
N LYS B 150 -4.70 28.74 6.41
CA LYS B 150 -5.41 29.42 7.47
C LYS B 150 -6.81 29.89 7.12
N LYS B 151 -7.13 30.02 5.83
CA LYS B 151 -8.39 30.58 5.39
C LYS B 151 -8.99 29.69 4.31
N TRP B 152 -10.32 29.69 4.22
CA TRP B 152 -11.05 28.84 3.29
C TRP B 152 -10.95 29.28 1.83
N ASN B 153 -10.40 30.47 1.55
CA ASN B 153 -10.13 30.88 0.19
C ASN B 153 -8.68 30.64 -0.23
N ASP B 154 -7.92 29.85 0.55
CA ASP B 154 -6.53 29.59 0.23
C ASP B 154 -6.41 29.06 -1.20
N PRO B 155 -5.38 29.48 -1.95
CA PRO B 155 -5.24 29.01 -3.34
C PRO B 155 -5.23 27.49 -3.47
N ALA B 156 -4.67 26.79 -2.48
CA ALA B 156 -4.65 25.33 -2.54
C ALA B 156 -6.04 24.74 -2.44
N ILE B 157 -6.93 25.38 -1.66
CA ILE B 157 -8.32 24.95 -1.61
C ILE B 157 -9.06 25.40 -2.87
N ALA B 158 -8.85 26.66 -3.24
CA ALA B 158 -9.45 27.21 -4.46
C ALA B 158 -9.15 26.36 -5.67
N ALA B 159 -7.91 25.86 -5.80
CA ALA B 159 -7.53 25.11 -6.98
C ALA B 159 -8.36 23.84 -7.14
N LEU B 160 -8.85 23.28 -6.04
CA LEU B 160 -9.63 22.06 -6.07
C LEU B 160 -11.12 22.32 -6.21
N ASN B 161 -11.55 23.58 -6.19
CA ASN B 161 -12.97 23.92 -6.04
C ASN B 161 -13.38 25.07 -6.96
N PRO B 162 -13.25 24.87 -8.29
CA PRO B 162 -13.65 25.95 -9.20
C PRO B 162 -15.11 26.33 -9.08
N LYS B 163 -15.99 25.37 -8.79
CA LYS B 163 -17.42 25.65 -8.77
C LYS B 163 -17.88 26.29 -7.47
N VAL B 164 -17.07 26.24 -6.41
CA VAL B 164 -17.49 26.70 -5.09
C VAL B 164 -17.13 28.17 -4.94
N LYS B 165 -18.07 28.97 -4.45
CA LYS B 165 -17.79 30.35 -4.06
C LYS B 165 -17.19 30.31 -2.66
N LEU B 166 -15.88 30.32 -2.59
CA LEU B 166 -15.20 30.14 -1.31
C LEU B 166 -15.14 31.48 -0.57
N PRO B 167 -15.48 31.51 0.72
CA PRO B 167 -15.31 32.73 1.51
C PRO B 167 -13.87 32.86 2.01
N ASP B 168 -13.58 34.00 2.63
CA ASP B 168 -12.27 34.22 3.24
C ASP B 168 -12.25 33.86 4.73
N THR B 169 -13.20 33.04 5.18
CA THR B 169 -13.34 32.67 6.57
C THR B 169 -12.09 31.97 7.11
N ASP B 170 -11.60 32.41 8.28
CA ASP B 170 -10.52 31.70 8.94
C ASP B 170 -10.96 30.26 9.22
N ILE B 171 -10.06 29.32 9.02
CA ILE B 171 -10.35 27.93 9.37
C ILE B 171 -10.26 27.75 10.89
N ALA B 172 -11.21 27.01 11.45
CA ALA B 172 -11.19 26.64 12.87
C ALA B 172 -11.04 25.11 12.95
N VAL B 173 -9.81 24.65 13.11
CA VAL B 173 -9.57 23.21 13.17
C VAL B 173 -10.17 22.64 14.46
N VAL B 174 -10.78 21.46 14.32
CA VAL B 174 -11.36 20.73 15.44
C VAL B 174 -10.78 19.33 15.44
N ARG B 175 -10.40 18.84 16.61
CA ARG B 175 -9.77 17.54 16.73
C ARG B 175 -10.24 16.91 18.03
N ARG B 176 -9.89 15.65 18.28
CA ARG B 176 -10.38 14.99 19.47
C ARG B 176 -9.55 15.33 20.69
N ALA B 177 -10.23 15.64 21.80
CA ALA B 177 -9.55 15.91 23.06
C ALA B 177 -9.20 14.63 23.81
N ASP B 178 -9.96 13.57 23.61
CA ASP B 178 -9.76 12.29 24.28
C ASP B 178 -8.98 11.32 23.38
N GLY B 179 -8.32 10.35 24.01
CA GLY B 179 -7.59 9.33 23.28
C GLY B 179 -8.54 8.52 22.44
N SER B 180 -8.24 8.35 21.15
CA SER B 180 -9.30 8.06 20.20
C SER B 180 -8.80 7.21 19.04
N GLY B 181 -9.55 6.15 18.74
CA GLY B 181 -9.25 5.36 17.55
C GLY B 181 -9.58 6.10 16.27
N THR B 182 -10.64 6.91 16.28
CA THR B 182 -10.89 7.75 15.11
C THR B 182 -9.70 8.68 14.85
N SER B 183 -9.12 9.26 15.92
CA SER B 183 -7.89 10.05 15.76
C SER B 183 -6.76 9.19 15.20
N PHE B 184 -6.63 7.95 15.66
CA PHE B 184 -5.58 7.10 15.14
C PHE B 184 -5.75 6.88 13.64
N ILE B 185 -6.97 6.54 13.23
CA ILE B 185 -7.27 6.37 11.81
C ILE B 185 -6.94 7.64 11.05
N TRP B 186 -7.42 8.77 11.56
CA TRP B 186 -7.20 10.07 10.91
C TRP B 186 -5.71 10.38 10.74
N THR B 187 -4.94 10.29 11.84
CA THR B 187 -3.53 10.67 11.81
C THR B 187 -2.66 9.63 11.10
N ASN B 188 -3.06 8.37 11.12
CA ASN B 188 -2.41 7.38 10.25
C ASN B 188 -2.60 7.75 8.78
N TYR B 189 -3.81 8.18 8.40
CA TYR B 189 -4.05 8.61 7.02
C TYR B 189 -3.25 9.87 6.66
N LEU B 190 -3.36 10.91 7.50
CA LEU B 190 -2.62 12.14 7.25
C LEU B 190 -1.13 11.86 7.11
N SER B 191 -0.60 10.93 7.91
CA SER B 191 0.81 10.60 7.83
C SER B 191 1.17 9.95 6.50
N LYS B 192 0.22 9.23 5.89
CA LYS B 192 0.47 8.60 4.60
C LYS B 192 0.40 9.58 3.43
N VAL B 193 -0.33 10.69 3.56
CA VAL B 193 -0.58 11.60 2.44
C VAL B 193 0.09 12.94 2.58
N ASN B 194 0.66 13.26 3.75
CA ASN B 194 1.34 14.54 3.94
C ASN B 194 2.64 14.28 4.67
N ASP B 195 3.77 14.43 3.97
CA ASP B 195 5.05 14.04 4.56
C ASP B 195 5.44 14.97 5.70
N GLU B 196 4.97 16.21 5.67
CA GLU B 196 5.26 17.11 6.78
C GLU B 196 4.53 16.68 8.04
N TRP B 197 3.27 16.26 7.90
CA TRP B 197 2.54 15.74 9.05
C TRP B 197 3.21 14.48 9.58
N LYS B 198 3.58 13.57 8.68
CA LYS B 198 4.23 12.33 9.10
C LYS B 198 5.47 12.62 9.95
N SER B 199 6.34 13.51 9.48
CA SER B 199 7.58 13.74 10.22
C SER B 199 7.35 14.58 11.47
N LYS B 200 6.38 15.50 11.46
CA LYS B 200 6.24 16.45 12.55
C LYS B 200 5.26 15.98 13.64
N VAL B 201 4.20 15.29 13.24
CA VAL B 201 3.12 14.93 14.16
C VAL B 201 2.96 13.42 14.26
N GLY B 202 2.93 12.74 13.12
CA GLY B 202 2.80 11.31 13.15
C GLY B 202 1.36 10.89 13.45
N GLU B 203 1.23 9.73 14.08
CA GLU B 203 -0.08 9.12 14.29
C GLU B 203 -0.17 8.57 15.70
N GLY B 204 -1.41 8.42 16.16
CA GLY B 204 -1.66 7.80 17.44
C GLY B 204 -3.08 8.07 17.90
N THR B 205 -3.46 7.40 18.99
CA THR B 205 -4.72 7.71 19.65
C THR B 205 -4.68 9.13 20.20
N THR B 206 -3.50 9.62 20.53
CA THR B 206 -3.25 11.04 20.81
C THR B 206 -2.01 11.46 20.04
N VAL B 207 -1.97 12.72 19.63
CA VAL B 207 -0.80 13.32 18.99
C VAL B 207 -0.65 14.74 19.55
N ASN B 208 0.47 15.38 19.20
CA ASN B 208 0.68 16.79 19.56
C ASN B 208 0.12 17.63 18.42
N TRP B 209 -1.14 18.02 18.54
CA TRP B 209 -1.85 18.72 17.48
C TRP B 209 -1.26 20.11 17.26
N PRO B 210 -0.84 20.45 16.04
CA PRO B 210 -0.29 21.79 15.81
C PRO B 210 -1.29 22.90 16.10
N THR B 211 -2.59 22.63 15.98
CA THR B 211 -3.60 23.65 16.22
C THR B 211 -4.92 22.93 16.44
N GLY B 212 -5.92 23.67 16.94
CA GLY B 212 -7.26 23.14 16.98
C GLY B 212 -8.03 23.24 18.30
N THR B 213 -9.35 23.23 18.18
CA THR B 213 -10.24 23.02 19.31
C THR B 213 -10.37 21.55 19.61
N GLY B 214 -10.32 21.18 20.89
CA GLY B 214 -10.50 19.79 21.29
C GLY B 214 -11.95 19.47 21.61
N GLY B 215 -12.47 18.43 20.99
CA GLY B 215 -13.83 17.97 21.25
C GLY B 215 -13.80 16.58 21.85
N LYS B 216 -14.73 16.31 22.76
CA LYS B 216 -14.75 15.04 23.47
C LYS B 216 -15.66 14.05 22.75
N GLY B 217 -15.08 12.95 22.29
CA GLY B 217 -15.85 11.96 21.54
C GLY B 217 -16.23 12.43 20.15
N ASN B 218 -16.72 11.51 19.32
CA ASN B 218 -17.26 11.92 18.02
C ASN B 218 -18.40 12.94 18.16
N ASP B 219 -19.21 12.80 19.21
CA ASP B 219 -20.30 13.76 19.42
C ASP B 219 -19.75 15.14 19.75
N GLY B 220 -18.66 15.20 20.53
CA GLY B 220 -18.08 16.48 20.89
C GLY B 220 -17.48 17.20 19.70
N VAL B 221 -16.78 16.46 18.84
CA VAL B 221 -16.23 17.05 17.61
C VAL B 221 -17.34 17.54 16.70
N ALA B 222 -18.38 16.70 16.52
CA ALA B 222 -19.53 17.13 15.74
C ALA B 222 -20.14 18.42 16.30
N ALA B 223 -20.28 18.51 17.62
CA ALA B 223 -20.89 19.71 18.20
C ALA B 223 -20.03 20.95 17.95
N PHE B 224 -18.72 20.85 18.11
CA PHE B 224 -17.90 22.04 17.91
C PHE B 224 -17.88 22.45 16.45
N VAL B 225 -17.89 21.48 15.53
CA VAL B 225 -17.94 21.83 14.11
C VAL B 225 -19.19 22.64 13.84
N GLN B 226 -20.32 22.24 14.44
CA GLN B 226 -21.58 22.94 14.20
C GLN B 226 -21.64 24.29 14.91
N ARG B 227 -20.80 24.53 15.92
CA ARG B 227 -20.85 25.77 16.67
C ARG B 227 -19.76 26.77 16.27
N LEU B 228 -18.73 26.36 15.56
CA LEU B 228 -17.63 27.26 15.22
C LEU B 228 -17.65 27.62 13.73
N PRO B 229 -17.94 28.87 13.36
CA PRO B 229 -17.81 29.26 11.94
C PRO B 229 -16.41 28.97 11.42
N GLY B 230 -16.35 28.46 10.19
CA GLY B 230 -15.08 28.08 9.62
C GLY B 230 -14.54 26.74 10.07
N ALA B 231 -15.32 25.95 10.80
CA ALA B 231 -14.79 24.72 11.37
C ALA B 231 -14.45 23.68 10.31
N ILE B 232 -13.46 22.85 10.62
CA ILE B 232 -13.29 21.54 10.00
C ILE B 232 -13.00 20.54 11.10
N GLY B 233 -13.63 19.37 11.02
CA GLY B 233 -13.38 18.31 11.97
C GLY B 233 -13.49 16.98 11.25
N TYR B 234 -13.20 15.91 11.99
CA TYR B 234 -13.26 14.56 11.43
C TYR B 234 -14.15 13.73 12.33
N VAL B 235 -15.12 13.02 11.75
CA VAL B 235 -16.03 12.19 12.52
C VAL B 235 -16.26 10.89 11.78
N GLU B 236 -16.54 9.83 12.53
CA GLU B 236 -17.09 8.63 11.91
C GLU B 236 -18.42 8.96 11.24
N TRP B 237 -18.68 8.27 10.12
CA TRP B 237 -19.71 8.69 9.16
C TRP B 237 -21.10 8.79 9.79
N ALA B 238 -21.45 7.87 10.68
CA ALA B 238 -22.79 7.90 11.27
C ALA B 238 -23.05 9.23 11.97
N TYR B 239 -22.01 9.85 12.52
CA TYR B 239 -22.19 11.12 13.19
C TYR B 239 -22.42 12.24 12.19
N ALA B 240 -21.75 12.18 11.04
CA ALA B 240 -22.04 13.16 10.00
C ALA B 240 -23.50 13.06 9.57
N LYS B 241 -23.99 11.84 9.39
CA LYS B 241 -25.32 11.67 8.85
C LYS B 241 -26.39 12.05 9.87
N LYS B 242 -26.21 11.61 11.13
CA LYS B 242 -27.18 11.89 12.19
C LYS B 242 -27.42 13.38 12.35
N ASN B 243 -26.35 14.17 12.28
CA ASN B 243 -26.40 15.61 12.50
C ASN B 243 -26.51 16.39 11.20
N ASN B 244 -26.78 15.73 10.08
CA ASN B 244 -26.91 16.36 8.76
C ASN B 244 -25.74 17.32 8.49
N MET B 245 -24.52 16.81 8.67
CA MET B 245 -23.33 17.64 8.60
C MET B 245 -22.87 17.83 7.15
N VAL B 246 -22.06 18.88 6.95
CA VAL B 246 -21.51 19.21 5.63
C VAL B 246 -20.18 18.44 5.50
N TYR B 247 -20.24 17.25 4.94
CA TYR B 247 -19.00 16.53 4.65
C TYR B 247 -18.37 17.06 3.36
N THR B 248 -17.08 16.78 3.19
CA THR B 248 -16.39 17.09 1.95
C THR B 248 -16.18 15.81 1.15
N ALA B 249 -15.96 15.99 -0.15
CA ALA B 249 -15.42 14.93 -0.97
C ALA B 249 -13.90 14.89 -0.81
N LEU B 250 -13.29 13.80 -1.27
CA LEU B 250 -11.84 13.67 -1.18
C LEU B 250 -11.30 13.03 -2.46
N LYS B 251 -10.15 13.54 -2.91
CA LYS B 251 -9.33 12.85 -3.90
C LYS B 251 -8.59 11.70 -3.23
N ASN B 252 -8.69 10.50 -3.79
CA ASN B 252 -7.99 9.35 -3.23
C ASN B 252 -6.64 9.20 -3.94
N SER B 253 -5.93 8.11 -3.66
CA SER B 253 -4.58 7.93 -4.19
C SER B 253 -4.56 7.87 -5.72
N THR B 254 -5.68 7.54 -6.36
CA THR B 254 -5.71 7.52 -7.81
C THR B 254 -5.91 8.90 -8.42
N GLY B 255 -6.30 9.88 -7.61
CA GLY B 255 -6.74 11.15 -8.13
C GLY B 255 -8.24 11.26 -8.35
N THR B 256 -8.98 10.17 -8.15
CA THR B 256 -10.43 10.22 -8.30
C THR B 256 -11.05 11.03 -7.17
N VAL B 257 -12.02 11.88 -7.52
CA VAL B 257 -12.82 12.60 -6.55
C VAL B 257 -13.97 11.69 -6.13
N VAL B 258 -13.97 11.25 -4.87
CA VAL B 258 -14.99 10.31 -4.40
C VAL B 258 -15.79 10.97 -3.28
N GLU B 259 -17.05 10.61 -3.21
CA GLU B 259 -17.82 11.07 -2.08
C GLU B 259 -17.91 9.97 -1.05
N PRO B 260 -18.08 10.31 0.24
CA PRO B 260 -18.24 9.27 1.26
C PRO B 260 -19.64 8.69 1.19
N LYS B 261 -19.72 7.35 1.17
CA LYS B 261 -20.94 6.57 1.07
C LYS B 261 -20.55 5.10 1.16
N THR B 262 -21.53 4.26 1.50
CA THR B 262 -21.29 2.82 1.64
C THR B 262 -20.42 2.27 0.51
N GLU B 263 -20.72 2.66 -0.73
CA GLU B 263 -20.00 2.10 -1.89
C GLU B 263 -18.49 2.37 -1.79
N THR B 264 -18.11 3.61 -1.43
CA THR B 264 -16.70 3.95 -1.41
C THR B 264 -16.01 3.46 -0.14
N PHE B 265 -16.74 3.36 0.98
CA PHE B 265 -16.20 2.68 2.14
C PHE B 265 -15.87 1.23 1.82
N LYS B 266 -16.79 0.54 1.12
CA LYS B 266 -16.61 -0.88 0.83
C LYS B 266 -15.46 -1.10 -0.15
N ALA B 267 -15.29 -0.19 -1.11
CA ALA B 267 -14.17 -0.29 -2.05
C ALA B 267 -12.84 -0.18 -1.31
N ALA B 268 -12.79 0.61 -0.23
CA ALA B 268 -11.57 0.68 0.57
C ALA B 268 -11.37 -0.58 1.40
N ALA B 269 -12.46 -1.13 1.94
CA ALA B 269 -12.38 -2.32 2.79
C ALA B 269 -11.98 -3.57 1.99
N ALA B 270 -12.13 -3.56 0.67
CA ALA B 270 -11.66 -4.67 -0.14
C ALA B 270 -10.14 -4.87 -0.03
N GLY B 271 -9.40 -3.82 0.35
CA GLY B 271 -7.96 -3.91 0.45
C GLY B 271 -7.43 -4.53 1.73
N ALA B 272 -8.30 -5.20 2.49
CA ALA B 272 -7.90 -5.87 3.72
C ALA B 272 -7.40 -7.28 3.44
N ASN B 273 -6.43 -7.72 4.23
CA ASN B 273 -5.86 -9.05 4.15
C ASN B 273 -6.06 -9.74 5.50
N TRP B 274 -7.33 -9.99 5.86
CA TRP B 274 -7.66 -10.50 7.18
C TRP B 274 -6.95 -11.81 7.51
N SER B 275 -6.52 -12.56 6.48
CA SER B 275 -5.88 -13.84 6.69
C SER B 275 -4.62 -13.71 7.52
N LYS B 276 -3.73 -12.78 7.15
CA LYS B 276 -2.46 -12.65 7.86
C LYS B 276 -2.67 -12.27 9.33
N SER B 277 -3.58 -11.33 9.59
CA SER B 277 -3.80 -10.85 10.95
C SER B 277 -5.13 -10.11 10.98
N PHE B 278 -5.69 -9.98 12.20
CA PHE B 278 -6.80 -9.05 12.40
C PHE B 278 -6.33 -7.61 12.44
N TYR B 279 -5.03 -7.39 12.67
CA TYR B 279 -4.47 -6.04 12.64
C TYR B 279 -4.51 -5.55 11.20
N GLN B 280 -5.52 -4.75 10.87
CA GLN B 280 -5.73 -4.25 9.52
C GLN B 280 -5.88 -2.73 9.56
N ILE B 281 -5.01 -2.04 8.83
CA ILE B 281 -5.13 -0.60 8.60
C ILE B 281 -5.72 -0.41 7.21
N LEU B 282 -6.74 0.44 7.10
CA LEU B 282 -7.51 0.55 5.86
C LEU B 282 -7.55 2.00 5.36
N THR B 283 -6.52 2.77 5.70
CA THR B 283 -6.40 4.15 5.21
C THR B 283 -5.70 4.17 3.86
N ASN B 284 -6.07 5.16 3.05
CA ASN B 284 -5.40 5.45 1.77
C ASN B 284 -5.26 4.19 0.92
N GLN B 285 -6.36 3.47 0.76
CA GLN B 285 -6.42 2.26 -0.03
C GLN B 285 -6.39 2.58 -1.54
N PRO B 286 -5.90 1.66 -2.36
CA PRO B 286 -5.62 1.95 -3.78
C PRO B 286 -6.78 1.80 -4.75
N GLY B 287 -7.97 1.39 -4.34
CA GLY B 287 -9.07 1.29 -5.29
C GLY B 287 -9.37 2.62 -5.95
N LYS B 288 -9.87 2.55 -7.18
CA LYS B 288 -10.22 3.78 -7.89
C LYS B 288 -11.40 4.49 -7.24
N GLU B 289 -12.35 3.73 -6.69
CA GLU B 289 -13.50 4.31 -6.01
C GLU B 289 -13.38 4.25 -4.49
N ALA B 290 -12.17 4.02 -3.98
CA ALA B 290 -11.98 3.82 -2.54
C ALA B 290 -12.04 5.15 -1.79
N TRP B 291 -12.82 5.19 -0.73
CA TRP B 291 -12.78 6.32 0.20
C TRP B 291 -11.45 6.29 0.95
N PRO B 292 -10.73 7.40 1.06
CA PRO B 292 -9.36 7.36 1.58
C PRO B 292 -9.25 7.16 3.09
N VAL B 293 -10.33 7.30 3.86
CA VAL B 293 -10.24 7.30 5.33
C VAL B 293 -11.24 6.28 5.88
N VAL B 294 -10.76 5.07 6.16
CA VAL B 294 -11.61 3.95 6.56
C VAL B 294 -10.89 3.16 7.66
N GLY B 295 -11.66 2.60 8.58
CA GLY B 295 -11.04 1.75 9.59
C GLY B 295 -11.96 0.66 10.08
N ALA B 296 -11.33 -0.41 10.56
CA ALA B 296 -12.03 -1.43 11.34
C ALA B 296 -12.14 -1.01 12.80
N THR B 297 -13.13 -1.57 13.47
CA THR B 297 -13.26 -1.41 14.91
C THR B 297 -13.30 -2.79 15.54
N PHE B 298 -12.87 -2.86 16.80
CA PHE B 298 -12.49 -4.13 17.41
C PHE B 298 -13.09 -4.25 18.80
N VAL B 299 -13.22 -5.49 19.27
CA VAL B 299 -13.64 -5.81 20.63
C VAL B 299 -12.47 -6.48 21.34
N LEU B 300 -12.25 -6.11 22.60
CA LEU B 300 -11.22 -6.72 23.43
C LEU B 300 -11.83 -7.30 24.69
N LEU B 301 -11.41 -8.51 25.06
CA LEU B 301 -11.81 -9.09 26.34
C LEU B 301 -10.72 -10.03 26.82
N HIS B 302 -10.71 -10.27 28.13
CA HIS B 302 -9.65 -11.05 28.74
C HIS B 302 -9.75 -12.52 28.34
N ALA B 303 -8.62 -13.09 27.92
CA ALA B 303 -8.57 -14.50 27.57
C ALA B 303 -9.02 -15.38 28.74
N LYS B 304 -8.46 -15.14 29.92
CA LYS B 304 -8.89 -15.84 31.13
C LYS B 304 -9.94 -15.00 31.85
N GLN B 305 -11.15 -15.52 31.95
CA GLN B 305 -12.30 -14.76 32.48
C GLN B 305 -12.44 -15.03 33.97
N ASP B 306 -12.23 -13.99 34.78
CA ASP B 306 -12.49 -14.10 36.21
C ASP B 306 -13.98 -14.36 36.48
N LYS B 307 -14.85 -13.88 35.59
CA LYS B 307 -16.29 -14.17 35.66
C LYS B 307 -16.67 -14.79 34.33
N PRO B 308 -16.57 -16.12 34.20
CA PRO B 308 -16.75 -16.74 32.88
C PRO B 308 -18.14 -16.57 32.29
N ALA B 309 -19.17 -16.41 33.11
CA ALA B 309 -20.50 -16.13 32.58
C ALA B 309 -20.54 -14.78 31.87
N GLN B 310 -19.72 -13.81 32.32
CA GLN B 310 -19.66 -12.54 31.62
C GLN B 310 -19.13 -12.72 30.21
N GLY B 311 -18.02 -13.44 30.06
CA GLY B 311 -17.43 -13.62 28.75
C GLY B 311 -18.33 -14.44 27.83
N ALA B 312 -19.00 -15.46 28.38
CA ALA B 312 -19.95 -16.23 27.59
C ALA B 312 -21.05 -15.32 27.02
N GLU B 313 -21.59 -14.41 27.85
CA GLU B 313 -22.61 -13.49 27.37
C GLU B 313 -22.03 -12.45 26.43
N THR B 314 -20.80 -12.03 26.68
CA THR B 314 -20.13 -11.12 25.76
C THR B 314 -19.99 -11.77 24.38
N LEU B 315 -19.58 -13.05 24.34
CA LEU B 315 -19.40 -13.72 23.05
C LEU B 315 -20.73 -14.06 22.41
N LYS B 316 -21.72 -14.44 23.22
CA LYS B 316 -23.08 -14.71 22.73
C LYS B 316 -23.66 -13.48 22.02
N PHE B 317 -23.43 -12.29 22.56
CA PHE B 317 -23.96 -11.06 21.98
C PHE B 317 -23.37 -10.79 20.60
N PHE B 318 -22.05 -10.87 20.48
CA PHE B 318 -21.45 -10.59 19.19
C PHE B 318 -21.65 -11.74 18.21
N ASP B 319 -21.69 -12.98 18.71
CA ASP B 319 -22.18 -14.08 17.89
C ASP B 319 -23.53 -13.71 17.28
N TRP B 320 -24.48 -13.33 18.13
CA TRP B 320 -25.80 -12.94 17.66
C TRP B 320 -25.72 -11.80 16.64
N ALA B 321 -24.92 -10.77 16.94
CA ALA B 321 -24.83 -9.63 16.04
C ALA B 321 -24.31 -10.04 14.67
N PHE B 322 -23.30 -10.92 14.63
CA PHE B 322 -22.79 -11.39 13.35
C PHE B 322 -23.87 -12.14 12.57
N LYS B 323 -24.67 -12.96 13.26
CA LYS B 323 -25.72 -13.72 12.57
C LYS B 323 -26.92 -12.86 12.20
N ASN B 324 -27.21 -11.82 12.99
CA ASN B 324 -28.51 -11.14 12.91
C ASN B 324 -28.43 -9.65 12.66
N GLY B 325 -27.26 -9.03 12.75
CA GLY B 325 -27.14 -7.59 12.71
C GLY B 325 -26.66 -6.98 11.41
N ALA B 326 -26.60 -7.75 10.33
CA ALA B 326 -26.05 -7.22 9.08
C ALA B 326 -26.90 -6.07 8.54
N LYS B 327 -28.22 -6.20 8.59
CA LYS B 327 -29.08 -5.12 8.10
C LYS B 327 -28.90 -3.86 8.93
N ALA B 328 -28.89 -4.00 10.26
CA ALA B 328 -28.76 -2.83 11.14
C ALA B 328 -27.45 -2.10 10.87
N ALA B 329 -26.36 -2.85 10.65
CA ALA B 329 -25.07 -2.25 10.33
C ALA B 329 -25.11 -1.55 8.97
N ASP B 330 -25.70 -2.21 7.96
CA ASP B 330 -25.80 -1.57 6.66
C ASP B 330 -26.67 -0.32 6.72
N ASP B 331 -27.72 -0.34 7.55
CA ASP B 331 -28.59 0.82 7.69
C ASP B 331 -27.89 2.03 8.27
N LEU B 332 -26.78 1.83 9.00
CA LEU B 332 -25.95 2.94 9.48
C LEU B 332 -24.72 3.15 8.62
N ASP B 333 -24.63 2.47 7.47
CA ASP B 333 -23.58 2.59 6.47
C ASP B 333 -22.21 2.07 6.92
N TYR B 334 -22.18 1.21 7.94
CA TYR B 334 -20.98 0.43 8.18
C TYR B 334 -20.83 -0.63 7.08
N ILE B 335 -19.64 -1.23 7.00
CA ILE B 335 -19.37 -2.37 6.14
C ILE B 335 -19.22 -3.61 7.02
N SER B 336 -20.05 -4.62 6.78
CA SER B 336 -19.93 -5.86 7.54
C SER B 336 -18.68 -6.64 7.12
N LEU B 337 -18.15 -7.42 8.05
CA LEU B 337 -17.00 -8.24 7.75
C LEU B 337 -17.40 -9.37 6.80
N PRO B 338 -16.47 -9.88 6.00
CA PRO B 338 -16.76 -11.06 5.17
C PRO B 338 -17.15 -12.27 6.02
N ALA B 339 -17.90 -13.17 5.39
CA ALA B 339 -18.34 -14.37 6.10
C ALA B 339 -17.16 -15.16 6.64
N SER B 340 -16.09 -15.27 5.85
CA SER B 340 -14.93 -16.08 6.25
C SER B 340 -14.23 -15.51 7.46
N VAL B 341 -14.19 -14.19 7.62
CA VAL B 341 -13.56 -13.59 8.79
C VAL B 341 -14.39 -13.88 10.04
N GLU B 342 -15.70 -13.71 9.94
CA GLU B 342 -16.57 -14.01 11.08
C GLU B 342 -16.44 -15.48 11.48
N THR B 343 -16.35 -16.38 10.49
CA THR B 343 -16.12 -17.79 10.77
C THR B 343 -14.82 -18.00 11.52
N GLU B 344 -13.76 -17.30 11.11
CA GLU B 344 -12.47 -17.44 11.78
C GLU B 344 -12.54 -16.90 13.20
N ILE B 345 -13.24 -15.78 13.40
CA ILE B 345 -13.36 -15.19 14.73
C ILE B 345 -14.04 -16.15 15.70
N ARG B 346 -15.09 -16.83 15.24
CA ARG B 346 -15.76 -17.84 16.05
C ARG B 346 -14.81 -18.93 16.50
N LYS B 347 -14.07 -19.52 15.55
CA LYS B 347 -13.17 -20.61 15.89
C LYS B 347 -12.17 -20.19 16.96
N GLN B 348 -11.72 -18.93 16.92
CA GLN B 348 -10.72 -18.49 17.88
C GLN B 348 -11.33 -18.22 19.26
N TRP B 349 -12.48 -17.55 19.32
CA TRP B 349 -13.02 -17.23 20.64
C TRP B 349 -13.58 -18.47 21.34
N LYS B 350 -13.90 -19.52 20.59
CA LYS B 350 -14.25 -20.79 21.21
C LYS B 350 -13.07 -21.47 21.87
N VAL B 351 -11.85 -20.97 21.66
CA VAL B 351 -10.64 -21.56 22.19
C VAL B 351 -9.94 -20.64 23.19
N LYS B 352 -9.86 -19.35 22.87
CA LYS B 352 -9.01 -18.42 23.61
C LYS B 352 -9.67 -17.79 24.83
N VAL B 353 -11.00 -17.79 24.91
CA VAL B 353 -11.69 -17.22 26.06
C VAL B 353 -12.14 -18.37 26.95
N THR B 354 -11.48 -18.55 28.09
CA THR B 354 -11.72 -19.66 29.00
C THR B 354 -11.88 -19.14 30.43
N ASP B 355 -12.21 -20.06 31.35
CA ASP B 355 -12.22 -19.75 32.77
C ASP B 355 -10.84 -20.05 33.36
N ALA B 356 -10.73 -20.01 34.69
CA ALA B 356 -9.43 -20.17 35.34
C ALA B 356 -8.88 -21.59 35.22
N ALA B 357 -9.75 -22.57 34.95
CA ALA B 357 -9.31 -23.94 34.73
C ALA B 357 -8.97 -24.22 33.27
N GLY B 358 -9.06 -23.22 32.39
CA GLY B 358 -8.74 -23.38 30.99
C GLY B 358 -9.87 -23.89 30.11
N LYS B 359 -11.07 -24.05 30.65
CA LYS B 359 -12.22 -24.52 29.90
C LYS B 359 -12.90 -23.33 29.23
N ALA B 360 -13.20 -23.46 27.94
CA ALA B 360 -13.78 -22.36 27.18
C ALA B 360 -15.12 -21.94 27.76
N VAL B 361 -15.50 -20.67 27.53
CA VAL B 361 -16.79 -20.18 27.99
C VAL B 361 -17.87 -20.33 26.92
N ALA B 362 -17.49 -20.33 25.65
CA ALA B 362 -18.44 -20.52 24.56
C ALA B 362 -18.59 -22.00 24.21
#